data_9HJO
#
_entry.id   9HJO
#
_cell.length_a   61.008
_cell.length_b   69.975
_cell.length_c   86.76
_cell.angle_alpha   91.629
_cell.angle_beta   89.929
_cell.angle_gamma   115.952
#
_symmetry.space_group_name_H-M   'P 1'
#
loop_
_entity.id
_entity.type
_entity.pdbx_description
1 polymer 'Fanconi anemia group M protein'
2 polymer 'Fanconi anemia core complex-associated protein 24'
3 polymer 'DNA (25-MER)'
4 polymer 'DNA (25-MER)'
5 non-polymer 'MAGNESIUM ION'
6 water water
#
loop_
_entity_poly.entity_id
_entity_poly.type
_entity_poly.pdbx_seq_one_letter_code
_entity_poly.pdbx_strand_id
1 'polypeptide(L)'
;GKGT(CME)ILVGGHEITSGLEVISSLRAIHGLQVEV(CME)PLNG(CME)DYIVSNRMVVERRSQSEMLNSVNKNKFIE
QIQHLQSMFERICVIVEKDREKTGDTSRMFRRTKSYDSLLTTLIGAGIRILFSSCQEETADLLKELSLVEQRKNVGIHVP
TVVNSNKSEALQFYLSIPNISYITALNM(CME)HQFSSVKRMANSSLQEISMYAQVTHQKAEEIYRYIHYVFDIQMLPND
LNQDRLKSDI
;
A,C
2 'polypeptide(L)'
;MEKNPPDDTGPVHVPLGHIVANEKWRGSQLAQEMQGKIKLIFEDGLTPDFYLSNRCCILYVTEADLVAGNGYRKRLVRVR
NSNNLKGIVVVEKTRMSEQYFPALQKFTVLDLGMVLLPVASQMEASCLVIQLVQEQTKEPSKNPLLGKKRALLLSEPSLL
RTVQQIPGVGKVKAPLLLQKFPSIQQLSNASIGELEQVVGQAVAQQIHAFFTQPR
;
B,D
3 'polydeoxyribonucleotide'
;(DT)(DA)(DC)(DG)(DC)(DA)(DT)(DC)(DA)(DT)(DC)(DC)(DA)(DG)(DC)(DG)(DC)(DT)(DC)(DG)
(DG)(DT)(DT)(DT)(DT)
;
F,H
4 'polydeoxyribonucleotide'
;(DT)(DT)(DT)(DT)(DC)(DC)(DG)(DA)(DG)(DC)(DG)(DC)(DT)(DG)(DG)(DA)(DT)(DG)(DA)(DT)
(DG)(DC)(DG)(DT)(DA)
;
G,I
#
loop_
_chem_comp.id
_chem_comp.type
_chem_comp.name
_chem_comp.formula
DA DNA linking 2'-DEOXYADENOSINE-5'-MONOPHOSPHATE 'C10 H14 N5 O6 P'
DC DNA linking 2'-DEOXYCYTIDINE-5'-MONOPHOSPHATE 'C9 H14 N3 O7 P'
DG DNA linking 2'-DEOXYGUANOSINE-5'-MONOPHOSPHATE 'C10 H14 N5 O7 P'
DT DNA linking THYMIDINE-5'-MONOPHOSPHATE 'C10 H15 N2 O8 P'
MG non-polymer 'MAGNESIUM ION' 'Mg 2'
#
# COMPACT_ATOMS: atom_id res chain seq x y z
N THR A 4 20.80 -2.93 -0.59
CA THR A 4 20.26 -1.55 -0.72
C THR A 4 18.74 -1.59 -0.53
N CME A 5 18.23 -0.77 0.40
CA CME A 5 16.82 -0.72 0.74
CB CME A 5 16.58 -0.91 2.22
SG CME A 5 14.89 -0.53 2.75
SD CME A 5 14.01 -2.28 2.28
CE CME A 5 14.03 -3.13 3.88
CZ CME A 5 12.77 -3.88 4.23
OH CME A 5 11.92 -3.05 4.98
C CME A 5 16.20 0.58 0.24
O CME A 5 16.86 1.61 0.16
H CME A 5 18.80 -0.20 0.83
HA CME A 5 16.37 -1.47 0.30
HB2 CME A 5 16.78 -1.86 2.45
HB3 CME A 5 17.21 -0.33 2.72
HE2 CME A 5 14.79 -3.75 3.91
HE3 CME A 5 14.18 -2.44 4.56
HZ2 CME A 5 12.32 -4.16 3.41
HZ3 CME A 5 12.98 -4.68 4.75
N ILE A 6 14.90 0.53 -0.10
CA ILE A 6 14.16 1.72 -0.43
C ILE A 6 12.74 1.55 0.07
N LEU A 7 12.21 2.63 0.65
CA LEU A 7 10.86 2.64 1.16
C LEU A 7 10.01 3.43 0.18
N VAL A 8 8.83 2.85 -0.12
CA VAL A 8 7.84 3.39 -1.02
C VAL A 8 6.57 3.69 -0.24
N GLY A 9 6.00 4.88 -0.44
CA GLY A 9 4.68 5.18 0.11
C GLY A 9 3.59 4.28 -0.48
N GLY A 10 2.69 3.83 0.38
CA GLY A 10 1.62 2.94 -0.03
C GLY A 10 0.74 3.50 -1.16
N HIS A 11 0.56 4.81 -1.20
CA HIS A 11 -0.21 5.49 -2.24
C HIS A 11 0.33 5.23 -3.64
N GLU A 12 1.62 4.89 -3.78
CA GLU A 12 2.23 4.61 -5.06
C GLU A 12 1.69 3.36 -5.73
N ILE A 13 0.95 2.51 -5.01
CA ILE A 13 0.33 1.35 -5.67
C ILE A 13 -0.84 1.78 -6.56
N THR A 14 -1.40 2.98 -6.35
CA THR A 14 -2.46 3.48 -7.22
C THR A 14 -1.89 4.03 -8.53
N SER A 15 -0.58 4.31 -8.65
CA SER A 15 -0.04 4.79 -9.93
C SER A 15 1.38 4.30 -10.26
N GLY A 16 2.06 3.57 -9.35
CA GLY A 16 3.47 3.31 -9.51
C GLY A 16 3.81 1.82 -9.55
N LEU A 17 2.88 0.95 -9.89
CA LEU A 17 3.09 -0.49 -9.77
C LEU A 17 4.32 -0.97 -10.55
N GLU A 18 4.62 -0.37 -11.70
CA GLU A 18 5.76 -0.80 -12.48
C GLU A 18 7.07 -0.25 -11.88
N VAL A 19 7.05 0.96 -11.32
CA VAL A 19 8.17 1.47 -10.55
C VAL A 19 8.54 0.47 -9.44
N ILE A 20 7.55 0.08 -8.64
CA ILE A 20 7.77 -0.77 -7.48
C ILE A 20 8.35 -2.09 -7.93
N SER A 21 7.74 -2.74 -8.92
CA SER A 21 8.10 -4.10 -9.27
C SER A 21 9.43 -4.13 -10.03
N SER A 22 9.74 -3.10 -10.81
CA SER A 22 11.05 -3.00 -11.45
C SER A 22 12.16 -2.95 -10.38
N LEU A 23 11.97 -2.06 -9.38
CA LEU A 23 12.93 -1.90 -8.31
C LEU A 23 13.25 -3.25 -7.69
N ARG A 24 12.24 -4.08 -7.37
CA ARG A 24 12.48 -5.41 -6.84
C ARG A 24 13.26 -6.23 -7.88
N ALA A 25 12.68 -6.32 -9.08
CA ALA A 25 12.96 -7.42 -9.99
C ALA A 25 14.23 -7.12 -10.77
N ILE A 26 14.23 -5.97 -11.48
CA ILE A 26 15.32 -5.58 -12.36
C ILE A 26 16.51 -5.18 -11.49
N HIS A 27 16.29 -4.30 -10.50
CA HIS A 27 17.38 -3.63 -9.80
C HIS A 27 17.88 -4.41 -8.57
N GLY A 28 17.07 -5.33 -8.00
CA GLY A 28 17.52 -6.17 -6.89
C GLY A 28 17.65 -5.42 -5.55
N LEU A 29 16.93 -4.30 -5.41
CA LEU A 29 16.81 -3.61 -4.14
C LEU A 29 15.81 -4.39 -3.30
N GLN A 30 15.95 -4.26 -1.98
CA GLN A 30 14.87 -4.61 -1.08
C GLN A 30 13.89 -3.45 -1.14
N VAL A 31 12.64 -3.73 -1.48
CA VAL A 31 11.67 -2.67 -1.65
C VAL A 31 10.55 -2.98 -0.69
N GLU A 32 10.26 -2.04 0.21
CA GLU A 32 9.12 -2.24 1.08
C GLU A 32 8.15 -1.07 0.88
N VAL A 33 6.88 -1.44 0.69
CA VAL A 33 5.77 -0.52 0.58
C VAL A 33 5.27 -0.25 2.00
N CME A 34 5.23 1.02 2.38
CA CME A 34 5.16 1.47 3.76
CB CME A 34 6.50 2.04 4.24
SG CME A 34 7.85 0.85 4.16
SD CME A 34 7.42 -0.40 5.70
CE CME A 34 8.91 -0.19 6.73
CZ CME A 34 8.88 -0.97 8.02
OH CME A 34 9.51 -2.24 7.93
C CME A 34 4.06 2.51 3.90
O CME A 34 3.89 3.33 3.00
H CME A 34 5.22 1.67 1.73
HA CME A 34 4.95 0.70 4.32
HB2 CME A 34 6.73 2.82 3.67
HB3 CME A 34 6.38 2.34 5.17
HE2 CME A 34 9.69 -0.48 6.21
HE3 CME A 34 9.02 0.77 6.94
HZ2 CME A 34 9.33 -0.45 8.71
HZ3 CME A 34 7.96 -1.09 8.30
N PRO A 35 3.45 2.63 5.10
CA PRO A 35 2.54 3.72 5.39
C PRO A 35 3.23 5.06 5.66
N LEU A 36 3.93 5.60 4.65
CA LEU A 36 4.60 6.88 4.80
C LEU A 36 3.53 7.98 4.75
N ASN A 37 3.68 9.04 5.55
CA ASN A 37 2.77 10.17 5.53
C ASN A 37 3.45 11.35 4.84
N GLY A 38 3.26 11.44 3.51
CA GLY A 38 3.57 12.63 2.74
C GLY A 38 4.86 12.51 1.92
N CME A 39 5.20 11.30 1.45
CA CME A 39 6.34 11.19 0.54
CB CME A 39 7.69 11.40 1.22
SG CME A 39 8.17 10.25 2.53
SD CME A 39 7.45 11.19 4.20
CE CME A 39 8.53 10.75 5.59
CZ CME A 39 7.63 10.65 6.79
OH CME A 39 6.77 9.52 6.70
C CME A 39 6.30 9.88 -0.22
O CME A 39 5.72 8.91 0.22
H CME A 39 4.74 10.55 1.66
HA CME A 39 6.26 11.90 -0.12
HB2 CME A 39 8.38 11.35 0.51
HB3 CME A 39 7.71 12.31 1.59
HE2 CME A 39 8.98 9.90 5.42
HE3 CME A 39 9.21 11.46 5.73
HZ2 CME A 39 8.16 10.59 7.59
HZ3 CME A 39 7.10 11.46 6.85
N ASP A 40 7.01 9.85 -1.34
CA ASP A 40 6.84 8.80 -2.33
C ASP A 40 7.89 7.72 -2.12
N TYR A 41 9.15 8.12 -2.23
CA TYR A 41 10.28 7.20 -2.15
C TYR A 41 11.23 7.78 -1.12
N ILE A 42 11.50 7.04 -0.05
CA ILE A 42 12.62 7.34 0.84
C ILE A 42 13.75 6.45 0.37
N VAL A 43 14.82 7.11 -0.10
CA VAL A 43 15.93 6.47 -0.77
C VAL A 43 17.09 6.27 0.19
N SER A 44 17.23 7.16 1.16
CA SER A 44 18.22 7.04 2.22
C SER A 44 17.73 7.80 3.45
N ASN A 45 18.58 7.81 4.47
CA ASN A 45 18.35 8.63 5.64
C ASN A 45 18.33 10.10 5.31
N ARG A 46 18.98 10.56 4.22
CA ARG A 46 19.08 11.96 3.87
C ARG A 46 18.20 12.38 2.68
N MET A 47 17.73 11.42 1.86
CA MET A 47 17.18 11.73 0.54
C MET A 47 15.78 11.16 0.40
N VAL A 48 14.83 12.03 0.05
CA VAL A 48 13.51 11.60 -0.36
C VAL A 48 13.31 12.00 -1.83
N VAL A 49 12.54 11.18 -2.57
CA VAL A 49 12.27 11.46 -3.97
C VAL A 49 10.76 11.58 -4.11
N GLU A 50 10.29 12.72 -4.64
CA GLU A 50 8.93 12.89 -5.07
C GLU A 50 8.78 12.58 -6.55
N ARG A 51 7.75 11.78 -6.89
CA ARG A 51 7.43 11.39 -8.26
C ARG A 51 6.17 12.13 -8.68
N ARG A 52 6.25 12.82 -9.81
CA ARG A 52 5.13 13.59 -10.32
C ARG A 52 5.07 13.40 -11.84
N SER A 53 3.85 13.18 -12.34
CA SER A 53 3.62 13.15 -13.77
C SER A 53 3.74 14.57 -14.34
N GLN A 54 4.11 14.69 -15.63
CA GLN A 54 4.08 15.97 -16.33
C GLN A 54 2.78 16.73 -16.07
N SER A 55 1.62 16.07 -16.26
CA SER A 55 0.30 16.66 -16.06
C SER A 55 0.18 17.28 -14.67
N GLU A 56 0.60 16.53 -13.64
CA GLU A 56 0.56 17.05 -12.28
C GLU A 56 1.39 18.33 -12.18
N MET A 57 2.53 18.39 -12.87
CA MET A 57 3.43 19.55 -12.83
C MET A 57 2.85 20.72 -13.64
N LEU A 58 2.22 20.43 -14.79
CA LEU A 58 1.56 21.44 -15.62
C LEU A 58 0.37 22.08 -14.92
N ASN A 59 -0.47 21.24 -14.25
CA ASN A 59 -1.68 21.67 -13.57
C ASN A 59 -1.34 22.69 -12.48
N SER A 60 -1.66 23.97 -12.71
CA SER A 60 -1.34 25.05 -11.77
C SER A 60 -2.13 24.95 -10.47
N VAL A 61 -3.25 24.21 -10.47
CA VAL A 61 -3.98 23.88 -9.25
C VAL A 61 -3.05 23.15 -8.27
N ASN A 62 -2.08 22.37 -8.79
CA ASN A 62 -1.14 21.62 -7.98
C ASN A 62 0.12 22.39 -7.54
N LYS A 63 0.34 23.64 -7.98
CA LYS A 63 1.63 24.31 -7.79
C LYS A 63 1.89 24.56 -6.30
N ASN A 64 1.00 25.30 -5.63
CA ASN A 64 1.21 25.71 -4.24
C ASN A 64 1.18 24.51 -3.30
N LYS A 65 0.42 23.47 -3.68
CA LYS A 65 0.31 22.24 -2.91
C LYS A 65 1.62 21.48 -3.01
N PHE A 66 2.25 21.51 -4.18
CA PHE A 66 3.53 20.84 -4.39
C PHE A 66 4.61 21.54 -3.56
N ILE A 67 4.62 22.89 -3.63
CA ILE A 67 5.58 23.72 -2.91
C ILE A 67 5.47 23.45 -1.40
N GLU A 68 4.24 23.35 -0.85
CA GLU A 68 4.06 23.04 0.55
C GLU A 68 4.55 21.63 0.89
N GLN A 69 4.30 20.67 -0.03
CA GLN A 69 4.82 19.32 0.12
C GLN A 69 6.36 19.36 0.16
N ILE A 70 7.02 20.06 -0.78
CA ILE A 70 8.48 20.21 -0.72
C ILE A 70 8.89 20.88 0.59
N GLN A 71 8.15 21.87 1.12
CA GLN A 71 8.49 22.51 2.39
C GLN A 71 8.43 21.53 3.56
N HIS A 72 7.40 20.69 3.61
CA HIS A 72 7.31 19.65 4.63
C HIS A 72 8.57 18.79 4.59
N LEU A 73 8.92 18.34 3.38
CA LEU A 73 10.01 17.41 3.16
C LEU A 73 11.36 18.03 3.51
N GLN A 74 11.50 19.33 3.31
CA GLN A 74 12.69 20.05 3.72
C GLN A 74 13.00 20.00 5.22
N SER A 75 11.97 19.93 6.07
CA SER A 75 12.19 19.85 7.51
C SER A 75 12.73 18.48 7.93
N MET A 76 12.60 17.43 7.08
CA MET A 76 13.01 16.08 7.45
C MET A 76 14.14 15.51 6.62
N PHE A 77 14.49 16.13 5.48
CA PHE A 77 15.44 15.53 4.56
C PHE A 77 16.34 16.63 4.03
N GLU A 78 17.63 16.31 3.84
CA GLU A 78 18.63 17.26 3.43
C GLU A 78 18.70 17.33 1.91
N ARG A 79 18.31 16.24 1.23
CA ARG A 79 18.39 16.11 -0.21
C ARG A 79 16.98 15.75 -0.73
N ILE A 80 16.39 16.62 -1.53
CA ILE A 80 15.10 16.34 -2.13
C ILE A 80 15.28 16.27 -3.64
N CYS A 81 14.75 15.21 -4.26
CA CYS A 81 14.75 15.03 -5.71
CA CYS A 81 14.74 15.05 -5.72
C CYS A 81 13.30 14.93 -6.20
N VAL A 82 13.00 15.59 -7.32
CA VAL A 82 11.74 15.44 -8.01
C VAL A 82 12.03 14.69 -9.31
N ILE A 83 11.30 13.61 -9.58
CA ILE A 83 11.31 12.93 -10.85
C ILE A 83 10.00 13.26 -11.56
N VAL A 84 10.11 14.00 -12.67
CA VAL A 84 8.98 14.37 -13.50
C VAL A 84 8.84 13.29 -14.57
N GLU A 85 7.80 12.45 -14.42
CA GLU A 85 7.62 11.25 -15.24
C GLU A 85 6.58 11.56 -16.29
N LYS A 86 6.85 11.15 -17.54
CA LYS A 86 5.92 11.39 -18.63
C LYS A 86 4.65 10.60 -18.34
N ASP A 87 3.49 11.19 -18.65
CA ASP A 87 2.21 10.54 -18.45
C ASP A 87 2.15 9.26 -19.29
N ARG A 88 1.26 8.35 -18.85
CA ARG A 88 0.99 7.07 -19.51
C ARG A 88 0.30 7.33 -20.84
N GLU A 89 0.16 6.27 -21.65
CA GLU A 89 -0.68 6.26 -22.84
C GLU A 89 -2.12 5.89 -22.43
N ARG A 99 2.04 19.92 -23.50
CA ARG A 99 1.95 21.38 -23.76
C ARG A 99 2.34 22.13 -22.50
N ARG A 100 3.26 23.10 -22.65
CA ARG A 100 4.07 23.62 -21.55
C ARG A 100 3.64 25.05 -21.20
N THR A 101 3.68 25.41 -19.93
CA THR A 101 3.09 26.64 -19.41
C THR A 101 4.16 27.43 -18.67
N LYS A 102 3.92 28.72 -18.43
CA LYS A 102 4.81 29.56 -17.65
C LYS A 102 4.91 29.01 -16.23
N SER A 103 3.76 28.63 -15.63
CA SER A 103 3.73 28.14 -14.26
C SER A 103 4.53 26.85 -14.10
N TYR A 104 4.61 26.03 -15.16
CA TYR A 104 5.44 24.84 -15.17
C TYR A 104 6.91 25.24 -15.16
N ASP A 105 7.34 26.09 -16.11
CA ASP A 105 8.69 26.61 -16.13
C ASP A 105 9.06 27.32 -14.83
N SER A 106 8.11 28.10 -14.29
CA SER A 106 8.24 28.81 -13.03
C SER A 106 8.51 27.85 -11.86
N LEU A 107 7.86 26.69 -11.85
CA LEU A 107 8.03 25.71 -10.78
C LEU A 107 9.42 25.12 -10.86
N LEU A 108 9.83 24.71 -12.07
CA LEU A 108 11.16 24.19 -12.34
C LEU A 108 12.24 25.16 -11.90
N THR A 109 12.14 26.45 -12.27
CA THR A 109 13.12 27.43 -11.87
C THR A 109 13.08 27.64 -10.37
N THR A 110 11.91 27.63 -9.74
CA THR A 110 11.80 27.71 -8.28
C THR A 110 12.61 26.58 -7.65
N LEU A 111 12.42 25.36 -8.14
CA LEU A 111 13.07 24.18 -7.59
C LEU A 111 14.59 24.29 -7.76
N ILE A 112 15.07 24.73 -8.93
CA ILE A 112 16.48 24.91 -9.22
C ILE A 112 17.11 25.86 -8.21
N GLY A 113 16.44 27.00 -7.97
CA GLY A 113 16.94 28.06 -7.10
C GLY A 113 17.07 27.63 -5.63
N ALA A 114 16.28 26.65 -5.20
CA ALA A 114 16.39 26.06 -3.87
C ALA A 114 17.21 24.76 -3.84
N GLY A 115 18.01 24.51 -4.90
CA GLY A 115 18.82 23.30 -5.01
C GLY A 115 18.06 21.98 -4.91
N ILE A 116 16.76 21.95 -5.23
CA ILE A 116 16.01 20.71 -5.38
C ILE A 116 16.39 20.12 -6.74
N ARG A 117 16.93 18.92 -6.74
CA ARG A 117 17.39 18.27 -7.97
C ARG A 117 16.18 17.80 -8.77
N ILE A 118 16.25 17.92 -10.11
CA ILE A 118 15.15 17.48 -10.98
C ILE A 118 15.68 16.45 -11.96
N LEU A 119 14.93 15.36 -12.14
CA LEU A 119 15.20 14.32 -13.11
C LEU A 119 13.92 14.12 -13.92
N PHE A 120 14.10 13.66 -15.17
CA PHE A 120 13.04 13.48 -16.13
C PHE A 120 13.06 12.03 -16.57
N SER A 121 11.86 11.45 -16.66
CA SER A 121 11.65 10.05 -16.96
C SER A 121 10.52 9.91 -17.98
N SER A 122 10.67 9.01 -18.94
CA SER A 122 9.65 8.77 -19.96
C SER A 122 8.71 7.62 -19.60
N CYS A 123 9.03 6.80 -18.58
CA CYS A 123 8.17 5.69 -18.19
C CYS A 123 8.52 5.25 -16.76
N GLN A 124 7.67 4.39 -16.19
CA GLN A 124 7.86 3.86 -14.84
C GLN A 124 9.17 3.06 -14.71
N GLU A 125 9.60 2.38 -15.77
CA GLU A 125 10.83 1.59 -15.75
C GLU A 125 12.06 2.49 -15.58
N GLU A 126 12.03 3.65 -16.23
CA GLU A 126 13.09 4.64 -16.22
C GLU A 126 13.08 5.38 -14.88
N THR A 127 11.91 5.56 -14.26
CA THR A 127 11.81 6.12 -12.93
C THR A 127 12.52 5.20 -11.94
N ALA A 128 12.23 3.89 -12.01
CA ALA A 128 12.88 2.88 -11.19
C ALA A 128 14.40 2.90 -11.37
N ASP A 129 14.85 3.15 -12.61
CA ASP A 129 16.27 3.21 -12.90
C ASP A 129 16.91 4.40 -12.20
N LEU A 130 16.26 5.56 -12.25
CA LEU A 130 16.77 6.74 -11.58
C LEU A 130 16.78 6.54 -10.06
N LEU A 131 15.70 5.96 -9.52
CA LEU A 131 15.63 5.68 -8.09
C LEU A 131 16.81 4.81 -7.65
N LYS A 132 17.22 3.85 -8.50
CA LYS A 132 18.30 2.92 -8.20
C LYS A 132 19.63 3.65 -8.21
N GLU A 133 19.86 4.49 -9.24
CA GLU A 133 21.06 5.30 -9.33
C GLU A 133 21.19 6.21 -8.12
N LEU A 134 20.08 6.85 -7.75
CA LEU A 134 20.06 7.70 -6.58
C LEU A 134 20.37 6.87 -5.34
N SER A 135 19.87 5.63 -5.27
CA SER A 135 20.15 4.72 -4.17
C SER A 135 21.65 4.45 -4.02
N LEU A 136 22.35 4.23 -5.14
CA LEU A 136 23.77 3.93 -5.19
C LEU A 136 24.60 5.08 -4.61
N VAL A 137 24.34 6.31 -5.05
CA VAL A 137 25.07 7.49 -4.62
C VAL A 137 25.00 7.60 -3.10
N GLU A 138 23.80 7.43 -2.56
CA GLU A 138 23.54 7.60 -1.15
C GLU A 138 24.21 6.52 -0.32
N GLN A 139 24.28 5.30 -0.86
CA GLN A 139 24.96 4.17 -0.23
C GLN A 139 26.43 4.54 -0.01
N ARG A 140 27.03 5.19 -1.01
CA ARG A 140 28.39 5.68 -0.98
C ARG A 140 28.61 6.85 -0.03
N LYS A 141 27.53 7.56 0.37
CA LYS A 141 27.66 8.56 1.43
C LYS A 141 27.34 8.01 2.83
N ASN A 142 27.38 6.67 3.03
CA ASN A 142 27.07 5.98 4.27
C ASN A 142 25.88 6.60 5.01
N VAL A 143 24.77 6.84 4.29
CA VAL A 143 23.51 7.25 4.88
C VAL A 143 22.37 6.34 4.41
N GLY A 144 22.71 5.14 3.90
CA GLY A 144 21.71 4.22 3.39
C GLY A 144 20.87 3.66 4.52
N ILE A 145 19.68 3.18 4.14
CA ILE A 145 18.74 2.58 5.06
C ILE A 145 19.30 1.22 5.42
N HIS A 146 19.42 0.95 6.72
CA HIS A 146 19.83 -0.34 7.25
C HIS A 146 18.72 -0.81 8.17
N VAL A 147 17.95 -1.83 7.76
CA VAL A 147 16.90 -2.45 8.57
C VAL A 147 16.92 -3.97 8.32
N PRO A 148 16.13 -4.80 9.05
CA PRO A 148 15.89 -6.19 8.67
C PRO A 148 15.17 -6.35 7.33
N SER A 153 6.76 -6.19 15.49
CA SER A 153 6.84 -7.53 16.13
C SER A 153 7.39 -7.40 17.55
N ASN A 154 6.55 -6.82 18.44
CA ASN A 154 6.81 -6.51 19.85
C ASN A 154 7.31 -5.08 20.05
N LYS A 155 7.55 -4.31 18.97
CA LYS A 155 8.13 -2.97 19.06
C LYS A 155 7.19 -1.94 18.43
N SER A 156 5.89 -2.24 18.41
CA SER A 156 4.95 -1.56 17.52
C SER A 156 4.46 -0.28 18.18
N GLU A 157 4.15 -0.38 19.49
CA GLU A 157 3.86 0.76 20.33
C GLU A 157 5.01 1.77 20.28
N ALA A 158 6.27 1.26 20.34
CA ALA A 158 7.44 2.14 20.33
C ALA A 158 7.56 2.93 19.04
N LEU A 159 7.31 2.28 17.88
CA LEU A 159 7.39 2.99 16.61
C LEU A 159 6.41 4.17 16.55
N GLN A 160 5.14 3.95 16.93
CA GLN A 160 4.10 4.98 16.92
C GLN A 160 4.46 6.16 17.83
N PHE A 161 5.06 5.87 18.99
CA PHE A 161 5.67 6.88 19.84
C PHE A 161 6.76 7.67 19.12
N TYR A 162 7.69 7.01 18.44
CA TYR A 162 8.78 7.73 17.79
C TYR A 162 8.27 8.54 16.60
N LEU A 163 7.33 7.98 15.83
CA LEU A 163 6.68 8.70 14.75
C LEU A 163 5.96 9.95 15.23
N SER A 164 5.50 9.98 16.50
CA SER A 164 4.85 11.15 17.08
C SER A 164 5.81 12.32 17.30
N ILE A 165 7.14 12.11 17.24
CA ILE A 165 8.11 13.17 17.42
C ILE A 165 8.05 14.12 16.22
N PRO A 166 7.88 15.44 16.41
CA PRO A 166 7.74 16.36 15.28
C PRO A 166 8.93 16.40 14.34
N ASN A 167 8.63 16.67 13.07
CA ASN A 167 9.62 16.84 12.04
C ASN A 167 10.67 15.73 12.03
N ILE A 168 10.28 14.45 12.23
CA ILE A 168 11.12 13.33 11.84
C ILE A 168 10.40 12.42 10.84
N SER A 169 11.20 11.82 9.97
CA SER A 169 10.74 10.97 8.90
C SER A 169 10.49 9.57 9.44
N TYR A 170 9.83 8.73 8.61
CA TYR A 170 9.47 7.36 8.96
C TYR A 170 10.75 6.57 9.22
N ILE A 171 11.75 6.75 8.37
CA ILE A 171 13.02 6.01 8.52
C ILE A 171 13.77 6.41 9.81
N THR A 172 13.78 7.71 10.17
CA THR A 172 14.33 8.15 11.44
C THR A 172 13.62 7.46 12.61
N ALA A 173 12.29 7.41 12.59
CA ALA A 173 11.53 6.74 13.64
C ALA A 173 11.85 5.24 13.67
N LEU A 174 12.05 4.63 12.49
CA LEU A 174 12.37 3.21 12.39
C LEU A 174 13.75 2.93 13.00
N ASN A 175 14.72 3.79 12.65
CA ASN A 175 16.05 3.67 13.21
C ASN A 175 16.02 3.67 14.73
N MET A 176 15.28 4.60 15.31
CA MET A 176 15.09 4.67 16.74
C MET A 176 14.55 3.35 17.29
N CME A 177 13.49 2.85 16.67
CA CME A 177 12.87 1.60 17.06
CB CME A 177 11.62 1.38 16.21
SG CME A 177 10.57 0.01 16.77
SD CME A 177 11.07 -1.42 15.45
CE CME A 177 9.49 -2.22 15.03
CZ CME A 177 8.96 -1.86 13.68
OH CME A 177 7.59 -2.21 13.56
C CME A 177 13.83 0.42 17.01
O CME A 177 13.76 -0.47 17.84
H CME A 177 13.13 3.31 15.95
HA CME A 177 12.56 1.71 17.99
HB2 CME A 177 11.08 2.21 16.23
HB3 CME A 177 11.90 1.20 15.28
HE2 CME A 177 9.61 -3.19 15.08
HE3 CME A 177 8.83 -1.97 15.72
HZ2 CME A 177 9.07 -0.90 13.54
HZ3 CME A 177 9.48 -2.32 13.00
N HIS A 178 14.68 0.39 15.99
CA HIS A 178 15.62 -0.68 15.78
C HIS A 178 16.82 -0.54 16.71
N GLN A 179 17.32 0.69 16.96
CA GLN A 179 18.62 0.87 17.59
C GLN A 179 18.52 0.98 19.11
N PHE A 180 17.52 1.66 19.64
CA PHE A 180 17.38 1.77 21.09
C PHE A 180 16.67 0.54 21.63
N SER A 181 17.32 -0.16 22.57
CA SER A 181 16.77 -1.35 23.20
C SER A 181 15.43 -1.03 23.88
N SER A 182 15.32 0.18 24.44
CA SER A 182 14.06 0.63 25.04
C SER A 182 13.84 2.10 24.74
N VAL A 183 12.61 2.56 25.01
CA VAL A 183 12.25 3.94 24.77
C VAL A 183 13.00 4.83 25.76
N LYS A 184 13.09 4.37 27.02
CA LYS A 184 13.84 5.03 28.10
C LYS A 184 15.29 5.25 27.69
N ARG A 185 15.93 4.21 27.14
CA ARG A 185 17.28 4.32 26.63
C ARG A 185 17.36 5.43 25.57
N MET A 186 16.36 5.53 24.68
CA MET A 186 16.30 6.61 23.71
C MET A 186 16.24 7.96 24.40
N ALA A 187 15.30 8.09 25.36
CA ALA A 187 14.99 9.39 25.94
C ALA A 187 16.11 9.86 26.86
N ASN A 188 16.97 8.93 27.34
CA ASN A 188 18.14 9.30 28.12
C ASN A 188 19.39 9.44 27.25
N SER A 189 19.31 9.29 25.93
CA SER A 189 20.50 9.38 25.09
C SER A 189 21.02 10.81 24.98
N SER A 190 22.30 10.93 24.62
CA SER A 190 22.88 12.21 24.29
C SER A 190 22.41 12.67 22.90
N LEU A 191 22.67 13.94 22.63
CA LEU A 191 22.49 14.47 21.30
C LEU A 191 23.31 13.63 20.32
N GLN A 192 24.58 13.34 20.66
CA GLN A 192 25.45 12.63 19.76
C GLN A 192 24.90 11.22 19.53
N GLU A 193 24.42 10.54 20.57
CA GLU A 193 23.89 9.20 20.39
C GLU A 193 22.72 9.22 19.42
N ILE A 194 21.79 10.15 19.62
CA ILE A 194 20.63 10.31 18.75
C ILE A 194 21.09 10.51 17.30
N SER A 195 22.11 11.34 17.10
CA SER A 195 22.69 11.59 15.79
C SER A 195 23.11 10.28 15.10
N MET A 196 23.79 9.44 15.85
CA MET A 196 24.41 8.25 15.31
C MET A 196 23.39 7.12 15.18
N TYR A 197 22.61 6.87 16.24
CA TYR A 197 21.72 5.72 16.31
C TYR A 197 20.49 5.99 15.43
N ALA A 198 19.93 7.19 15.50
CA ALA A 198 18.81 7.54 14.63
C ALA A 198 19.27 7.95 13.23
N GLN A 199 20.58 8.13 13.02
CA GLN A 199 21.12 8.48 11.71
C GLN A 199 20.52 9.81 11.24
N VAL A 200 20.65 10.87 12.05
CA VAL A 200 20.21 12.22 11.71
C VAL A 200 21.38 13.18 11.90
N THR A 201 21.23 14.38 11.30
CA THR A 201 22.22 15.44 11.38
C THR A 201 22.30 15.97 12.81
N HIS A 202 23.31 16.81 13.06
CA HIS A 202 23.49 17.43 14.36
C HIS A 202 22.27 18.28 14.69
N GLN A 203 21.91 19.15 13.74
CA GLN A 203 20.76 20.04 13.88
C GLN A 203 19.52 19.24 14.22
N LYS A 204 19.34 18.11 13.52
CA LYS A 204 18.14 17.30 13.66
C LYS A 204 18.15 16.55 14.99
N ALA A 205 19.33 16.04 15.40
CA ALA A 205 19.48 15.41 16.71
C ALA A 205 19.23 16.44 17.81
N GLU A 206 19.72 17.67 17.61
CA GLU A 206 19.44 18.78 18.53
C GLU A 206 17.93 19.02 18.68
N GLU A 207 17.18 18.96 17.60
CA GLU A 207 15.73 19.21 17.63
C GLU A 207 15.01 18.09 18.39
N ILE A 208 15.48 16.85 18.20
CA ILE A 208 14.90 15.72 18.90
C ILE A 208 15.26 15.79 20.38
N TYR A 209 16.51 16.15 20.71
CA TYR A 209 16.99 16.22 22.09
C TYR A 209 16.22 17.30 22.86
N ARG A 210 16.07 18.49 22.25
CA ARG A 210 15.29 19.57 22.87
C ARG A 210 13.86 19.11 23.14
N TYR A 211 13.30 18.32 22.21
CA TYR A 211 11.90 17.91 22.33
C TYR A 211 11.71 17.01 23.54
N ILE A 212 12.62 16.05 23.70
CA ILE A 212 12.55 15.05 24.75
C ILE A 212 12.87 15.68 26.13
N HIS A 213 13.62 16.80 26.18
CA HIS A 213 13.97 17.53 27.39
C HIS A 213 13.11 18.78 27.59
N TYR A 214 12.12 18.99 26.72
CA TYR A 214 11.27 20.18 26.79
C TYR A 214 10.38 20.11 28.03
N VAL A 215 10.40 21.20 28.80
CA VAL A 215 9.64 21.30 30.03
C VAL A 215 8.22 21.73 29.66
N PHE A 216 7.33 20.76 29.65
CA PHE A 216 5.92 20.99 29.44
C PHE A 216 5.39 21.93 30.52
N ASP A 217 4.54 22.88 30.07
CA ASP A 217 3.82 23.81 30.90
C ASP A 217 2.34 23.82 30.50
N ILE A 218 1.46 23.28 31.34
CA ILE A 218 0.04 23.21 31.01
C ILE A 218 -0.57 24.59 30.71
N GLN A 219 0.01 25.68 31.31
CA GLN A 219 -0.54 27.02 31.17
CA GLN A 219 -0.53 27.02 31.18
C GLN A 219 -0.16 27.64 29.83
N MET A 220 0.66 26.97 29.01
CA MET A 220 0.90 27.35 27.64
C MET A 220 -0.22 26.91 26.69
N LEU A 221 -1.17 26.08 27.16
CA LEU A 221 -2.33 25.63 26.38
C LEU A 221 -3.53 26.42 26.83
N PRO A 222 -4.60 26.53 26.00
CA PRO A 222 -5.89 27.07 26.47
C PRO A 222 -6.57 26.14 27.48
N ASN A 223 -7.58 26.65 28.18
CA ASN A 223 -8.19 25.96 29.31
C ASN A 223 -9.26 24.96 28.84
N ASP A 224 -10.39 25.46 28.33
CA ASP A 224 -11.50 24.59 27.94
C ASP A 224 -11.17 23.90 26.60
N PRO B 15 25.93 41.32 -16.94
CA PRO B 15 25.20 42.52 -17.46
C PRO B 15 23.76 42.57 -16.92
N LEU B 16 23.16 43.77 -16.91
CA LEU B 16 21.89 44.02 -16.22
C LEU B 16 20.74 44.01 -17.23
N GLY B 17 19.75 43.14 -16.98
CA GLY B 17 18.59 42.96 -17.85
C GLY B 17 18.93 42.35 -19.21
N HIS B 18 20.07 41.63 -19.29
CA HIS B 18 20.72 41.26 -20.54
C HIS B 18 21.13 39.78 -20.50
N ILE B 19 21.53 39.25 -21.67
CA ILE B 19 22.10 37.91 -21.83
C ILE B 19 23.29 38.01 -22.79
N VAL B 20 24.49 37.61 -22.33
CA VAL B 20 25.65 37.48 -23.19
C VAL B 20 25.50 36.16 -23.95
N ALA B 21 25.60 36.19 -25.29
CA ALA B 21 25.27 35.03 -26.11
C ALA B 21 26.44 34.66 -27.03
N ASN B 22 26.49 33.38 -27.42
CA ASN B 22 27.46 32.86 -28.37
C ASN B 22 27.00 33.28 -29.76
N GLU B 23 27.97 33.62 -30.63
CA GLU B 23 27.72 34.17 -31.95
C GLU B 23 26.77 33.26 -32.75
N LYS B 24 26.98 31.93 -32.61
CA LYS B 24 26.30 30.90 -33.39
C LYS B 24 24.76 30.96 -33.34
N TRP B 25 24.18 31.65 -32.33
CA TRP B 25 22.73 31.79 -32.21
C TRP B 25 22.20 33.05 -32.92
N ARG B 26 23.04 33.77 -33.71
CA ARG B 26 22.59 34.94 -34.46
C ARG B 26 21.40 34.53 -35.33
N GLY B 27 20.24 35.18 -35.10
CA GLY B 27 19.04 35.01 -35.91
C GLY B 27 18.41 33.61 -35.85
N SER B 28 18.71 32.79 -34.82
CA SER B 28 18.06 31.49 -34.65
C SER B 28 16.66 31.73 -34.10
N GLN B 29 15.82 30.68 -34.15
CA GLN B 29 14.46 30.76 -33.63
C GLN B 29 14.50 31.16 -32.15
N LEU B 30 15.50 30.66 -31.39
CA LEU B 30 15.69 31.03 -29.99
C LEU B 30 15.93 32.54 -29.85
N ALA B 31 16.93 33.05 -30.57
CA ALA B 31 17.28 34.46 -30.55
C ALA B 31 16.13 35.36 -31.00
N GLN B 32 15.31 34.86 -31.93
CA GLN B 32 14.18 35.60 -32.46
C GLN B 32 13.06 35.78 -31.42
N GLU B 33 12.74 34.72 -30.66
CA GLU B 33 11.59 34.75 -29.76
C GLU B 33 11.89 35.51 -28.47
N MET B 34 13.18 35.71 -28.17
CA MET B 34 13.60 36.47 -26.98
C MET B 34 13.57 37.98 -27.20
N GLN B 35 13.58 38.43 -28.48
CA GLN B 35 13.59 39.86 -28.80
C GLN B 35 12.41 40.56 -28.10
N GLY B 36 12.67 41.75 -27.53
CA GLY B 36 11.65 42.54 -26.87
C GLY B 36 11.47 42.13 -25.40
N LYS B 37 11.34 40.81 -25.15
CA LYS B 37 11.36 40.23 -23.82
C LYS B 37 12.71 40.46 -23.13
N ILE B 38 13.82 40.19 -23.84
CA ILE B 38 15.15 40.22 -23.23
C ILE B 38 16.21 40.52 -24.31
N LYS B 39 17.30 41.21 -23.90
CA LYS B 39 18.32 41.74 -24.80
C LYS B 39 19.54 40.81 -24.91
N LEU B 40 20.08 40.69 -26.13
CA LEU B 40 21.15 39.76 -26.47
C LEU B 40 22.40 40.51 -26.93
N ILE B 41 23.47 40.47 -26.10
CA ILE B 41 24.81 40.87 -26.49
C ILE B 41 25.53 39.64 -27.05
N PHE B 42 25.74 39.56 -28.38
CA PHE B 42 26.46 38.44 -28.98
C PHE B 42 27.97 38.63 -28.78
N GLU B 43 28.71 37.52 -28.92
CA GLU B 43 30.15 37.48 -28.65
C GLU B 43 30.74 36.16 -29.18
N ASP B 44 32.00 36.24 -29.63
CA ASP B 44 32.74 35.14 -30.24
C ASP B 44 33.70 34.50 -29.23
N GLY B 45 34.15 33.28 -29.56
CA GLY B 45 35.12 32.54 -28.77
C GLY B 45 34.56 31.92 -27.49
N LEU B 46 33.24 31.99 -27.28
CA LEU B 46 32.61 31.47 -26.07
C LEU B 46 32.39 29.98 -26.26
N THR B 47 32.84 29.18 -25.28
CA THR B 47 32.50 27.77 -25.22
C THR B 47 31.03 27.58 -24.83
N PRO B 48 30.47 28.21 -23.76
CA PRO B 48 29.06 28.03 -23.44
C PRO B 48 28.14 28.82 -24.37
N ASP B 49 26.86 28.45 -24.40
CA ASP B 49 25.91 29.01 -25.34
C ASP B 49 25.44 30.39 -24.86
N PHE B 50 25.02 30.52 -23.60
CA PHE B 50 24.63 31.81 -23.04
C PHE B 50 25.23 31.99 -21.64
N TYR B 51 25.19 33.25 -21.15
CA TYR B 51 25.48 33.59 -19.77
C TYR B 51 24.30 34.40 -19.26
N LEU B 52 23.67 33.96 -18.16
CA LEU B 52 22.54 34.67 -17.59
C LEU B 52 23.08 35.78 -16.71
N SER B 53 23.97 35.42 -15.77
CA SER B 53 24.81 36.33 -15.01
C SER B 53 26.28 36.00 -15.32
N ASN B 54 27.20 36.65 -14.59
CA ASN B 54 28.63 36.38 -14.70
C ASN B 54 28.97 34.93 -14.33
N ARG B 55 28.25 34.34 -13.35
CA ARG B 55 28.57 33.04 -12.76
C ARG B 55 27.61 31.91 -13.17
N CYS B 56 26.49 32.21 -13.84
CA CYS B 56 25.60 31.18 -14.34
C CYS B 56 25.57 31.22 -15.85
N CYS B 57 25.93 30.08 -16.49
CA CYS B 57 25.91 29.95 -17.93
C CYS B 57 24.99 28.81 -18.34
N ILE B 58 24.70 28.76 -19.65
CA ILE B 58 23.87 27.74 -20.26
C ILE B 58 24.70 26.98 -21.31
N LEU B 59 24.52 25.66 -21.33
CA LEU B 59 25.10 24.78 -22.32
C LEU B 59 23.94 24.11 -23.04
N TYR B 60 23.52 24.71 -24.17
CA TYR B 60 22.50 24.12 -25.02
C TYR B 60 23.10 22.92 -25.77
N VAL B 61 22.49 21.73 -25.61
CA VAL B 61 22.85 20.53 -26.35
C VAL B 61 21.73 20.29 -27.35
N THR B 62 22.03 20.32 -28.66
CA THR B 62 21.05 20.19 -29.74
C THR B 62 20.81 18.71 -30.04
N GLU B 63 19.78 18.44 -30.85
CA GLU B 63 19.45 17.13 -31.40
C GLU B 63 20.68 16.51 -32.06
N ALA B 64 21.33 17.31 -32.94
CA ALA B 64 22.60 16.99 -33.61
C ALA B 64 23.69 16.57 -32.61
N ASP B 65 23.82 17.35 -31.50
CA ASP B 65 24.82 17.08 -30.46
C ASP B 65 24.56 15.70 -29.86
N LEU B 66 23.29 15.39 -29.61
CA LEU B 66 22.95 14.21 -28.84
C LEU B 66 22.96 12.94 -29.69
N VAL B 67 22.59 13.03 -30.98
CA VAL B 67 22.63 11.88 -31.89
C VAL B 67 24.07 11.40 -32.09
N ALA B 68 25.00 12.33 -32.35
CA ALA B 68 26.39 12.06 -32.73
C ALA B 68 27.09 11.09 -31.77
N GLY B 69 27.05 11.39 -30.46
CA GLY B 69 27.66 10.56 -29.44
C GLY B 69 27.80 11.32 -28.13
N ASN B 70 29.02 11.35 -27.57
CA ASN B 70 29.31 12.05 -26.32
C ASN B 70 30.26 13.24 -26.57
N GLY B 71 30.15 13.91 -27.73
CA GLY B 71 30.93 15.10 -28.04
C GLY B 71 30.56 16.31 -27.17
N TYR B 72 29.27 16.41 -26.81
CA TYR B 72 28.73 17.44 -25.93
C TYR B 72 29.47 17.50 -24.60
N ARG B 73 29.94 16.35 -24.06
CA ARG B 73 30.41 16.21 -22.69
C ARG B 73 31.69 17.01 -22.42
N LYS B 74 32.65 16.98 -23.35
CA LYS B 74 33.87 17.78 -23.27
C LYS B 74 33.58 19.15 -22.66
N ARG B 75 32.64 19.87 -23.27
CA ARG B 75 32.32 21.23 -22.87
C ARG B 75 31.73 21.26 -21.46
N LEU B 76 30.87 20.28 -21.12
CA LEU B 76 30.20 20.21 -19.82
C LEU B 76 31.22 20.05 -18.69
N VAL B 77 32.20 19.16 -18.91
CA VAL B 77 33.29 18.91 -17.98
C VAL B 77 34.06 20.20 -17.70
N ARG B 78 34.42 20.95 -18.74
CA ARG B 78 35.13 22.22 -18.59
C ARG B 78 34.36 23.17 -17.66
N VAL B 79 33.05 23.30 -17.85
CA VAL B 79 32.26 24.26 -17.10
C VAL B 79 32.17 23.87 -15.63
N ARG B 80 31.85 22.60 -15.35
CA ARG B 80 31.74 22.14 -13.97
CA ARG B 80 31.75 22.11 -13.98
C ARG B 80 33.09 22.30 -13.28
N ASN B 81 34.19 21.87 -13.94
CA ASN B 81 35.55 21.98 -13.41
C ASN B 81 36.10 23.41 -13.39
N SER B 82 35.44 24.38 -14.04
CA SER B 82 35.73 25.78 -13.79
C SER B 82 35.26 26.14 -12.39
N ASN B 83 36.11 26.88 -11.68
CA ASN B 83 35.68 27.64 -10.51
C ASN B 83 35.10 28.95 -11.03
N ASN B 84 34.29 29.61 -10.20
CA ASN B 84 33.67 30.90 -10.48
C ASN B 84 32.58 30.77 -11.55
N LEU B 85 32.02 29.56 -11.75
CA LEU B 85 31.10 29.34 -12.87
C LEU B 85 30.26 28.09 -12.61
N LYS B 86 28.98 28.19 -12.99
CA LYS B 86 28.03 27.09 -12.96
C LYS B 86 27.35 26.99 -14.32
N GLY B 87 27.10 25.75 -14.76
CA GLY B 87 26.42 25.47 -16.02
C GLY B 87 25.02 24.91 -15.77
N ILE B 88 24.01 25.47 -16.46
CA ILE B 88 22.71 24.85 -16.67
C ILE B 88 22.70 24.23 -18.07
N VAL B 89 22.55 22.91 -18.16
CA VAL B 89 22.47 22.21 -19.42
C VAL B 89 21.01 22.17 -19.87
N VAL B 90 20.70 22.78 -21.02
CA VAL B 90 19.40 22.65 -21.68
C VAL B 90 19.54 21.71 -22.89
N VAL B 91 18.69 20.68 -23.00
CA VAL B 91 18.88 19.64 -24.00
C VAL B 91 17.59 19.46 -24.80
N GLU B 92 17.74 19.27 -26.12
CA GLU B 92 16.64 19.06 -27.04
C GLU B 92 16.17 17.60 -26.95
N LYS B 93 15.13 17.36 -26.12
CA LYS B 93 14.46 16.07 -26.00
C LYS B 93 13.32 15.99 -27.03
N THR B 94 13.62 15.46 -28.22
CA THR B 94 12.64 15.16 -29.26
C THR B 94 12.26 13.67 -29.16
N ARG B 95 11.41 13.21 -30.10
CA ARG B 95 11.16 11.78 -30.32
C ARG B 95 12.44 11.09 -30.80
N MET B 96 13.19 11.74 -31.72
CA MET B 96 14.45 11.23 -32.22
C MET B 96 15.44 10.98 -31.07
N SER B 97 15.63 11.99 -30.20
CA SER B 97 16.73 12.00 -29.23
C SER B 97 16.41 11.26 -27.93
N GLU B 98 15.12 11.03 -27.62
CA GLU B 98 14.67 10.59 -26.31
C GLU B 98 15.41 9.35 -25.78
N GLN B 99 15.85 8.47 -26.70
CA GLN B 99 16.63 7.26 -26.40
C GLN B 99 18.00 7.58 -25.80
N TYR B 100 18.63 8.68 -26.24
CA TYR B 100 19.94 9.11 -25.78
C TYR B 100 19.89 9.92 -24.48
N PHE B 101 18.71 10.46 -24.12
CA PHE B 101 18.54 11.40 -23.02
C PHE B 101 18.88 10.77 -21.66
N PRO B 102 18.46 9.52 -21.36
CA PRO B 102 18.83 8.89 -20.09
C PRO B 102 20.33 8.92 -19.78
N ALA B 103 21.15 8.50 -20.78
CA ALA B 103 22.60 8.47 -20.70
C ALA B 103 23.19 9.87 -20.46
N LEU B 104 22.68 10.89 -21.15
CA LEU B 104 23.07 12.27 -20.90
C LEU B 104 22.72 12.69 -19.47
N GLN B 105 21.50 12.38 -19.03
CA GLN B 105 21.01 12.89 -17.76
C GLN B 105 21.77 12.28 -16.60
N LYS B 106 22.05 10.98 -16.70
CA LYS B 106 22.91 10.28 -15.75
C LYS B 106 24.23 11.03 -15.64
N PHE B 107 24.85 11.34 -16.79
CA PHE B 107 26.13 12.03 -16.83
C PHE B 107 26.01 13.43 -16.24
N THR B 108 25.09 14.24 -16.76
CA THR B 108 25.00 15.65 -16.42
C THR B 108 24.58 15.82 -14.97
N VAL B 109 23.51 15.13 -14.56
CA VAL B 109 22.92 15.38 -13.26
C VAL B 109 23.68 14.59 -12.20
N LEU B 110 23.97 13.30 -12.43
CA LEU B 110 24.42 12.41 -11.35
C LEU B 110 25.94 12.35 -11.26
N ASP B 111 26.68 12.21 -12.37
CA ASP B 111 28.13 12.35 -12.33
C ASP B 111 28.52 13.79 -11.98
N LEU B 112 28.28 14.74 -12.89
CA LEU B 112 28.82 16.08 -12.79
C LEU B 112 28.09 16.95 -11.76
N GLY B 113 26.85 16.63 -11.40
CA GLY B 113 26.14 17.42 -10.40
C GLY B 113 25.44 18.65 -10.96
N MET B 114 25.36 18.79 -12.31
CA MET B 114 24.84 19.99 -12.95
C MET B 114 23.34 19.88 -13.20
N VAL B 115 22.68 21.04 -13.34
CA VAL B 115 21.26 21.14 -13.63
C VAL B 115 21.00 20.83 -15.11
N LEU B 116 19.92 20.08 -15.38
CA LEU B 116 19.54 19.65 -16.72
C LEU B 116 18.05 19.95 -16.90
N LEU B 117 17.70 20.61 -18.03
CA LEU B 117 16.32 20.93 -18.37
C LEU B 117 16.04 20.50 -19.81
N PRO B 118 15.17 19.50 -20.06
CA PRO B 118 14.78 19.15 -21.41
C PRO B 118 13.84 20.17 -22.03
N VAL B 119 13.95 20.32 -23.38
CA VAL B 119 13.04 21.13 -24.18
C VAL B 119 12.72 20.36 -25.46
N ALA B 120 11.47 20.47 -25.92
CA ALA B 120 11.05 19.92 -27.20
C ALA B 120 11.74 20.66 -28.35
N SER B 121 11.88 21.99 -28.21
CA SER B 121 12.35 22.85 -29.27
C SER B 121 12.99 24.13 -28.74
N GLN B 122 13.61 24.91 -29.62
CA GLN B 122 14.15 26.23 -29.31
C GLN B 122 13.07 27.20 -28.82
N MET B 123 11.87 27.08 -29.38
CA MET B 123 10.72 27.88 -28.98
C MET B 123 10.50 27.77 -27.47
N GLU B 124 10.52 26.52 -26.96
CA GLU B 124 10.34 26.25 -25.54
C GLU B 124 11.52 26.80 -24.72
N ALA B 125 12.75 26.60 -25.22
CA ALA B 125 13.93 27.11 -24.57
C ALA B 125 13.91 28.64 -24.43
N SER B 126 13.23 29.34 -25.34
CA SER B 126 13.03 30.78 -25.20
C SER B 126 12.27 31.07 -23.90
N CYS B 127 11.08 30.50 -23.77
CA CYS B 127 10.19 30.80 -22.66
C CYS B 127 10.76 30.29 -21.32
N LEU B 128 11.61 29.24 -21.38
CA LEU B 128 12.30 28.70 -20.21
C LEU B 128 13.43 29.61 -19.73
N VAL B 129 14.23 30.13 -20.67
CA VAL B 129 15.40 30.93 -20.33
C VAL B 129 14.97 32.28 -19.75
N ILE B 130 13.83 32.80 -20.23
CA ILE B 130 13.23 34.02 -19.69
C ILE B 130 12.92 33.84 -18.22
N GLN B 131 12.44 32.64 -17.82
CA GLN B 131 12.08 32.34 -16.45
C GLN B 131 13.31 32.22 -15.54
N LEU B 132 14.35 31.50 -16.01
CA LEU B 132 15.63 31.37 -15.32
C LEU B 132 16.21 32.75 -14.97
N VAL B 133 16.09 33.69 -15.92
CA VAL B 133 16.55 35.06 -15.77
C VAL B 133 15.66 35.84 -14.80
N GLN B 134 14.36 35.57 -14.83
CA GLN B 134 13.42 36.18 -13.89
C GLN B 134 13.64 35.62 -12.48
N GLU B 135 14.09 34.36 -12.37
CA GLU B 135 14.38 33.71 -11.10
C GLU B 135 15.71 34.20 -10.50
N GLN B 136 16.73 34.37 -11.35
CA GLN B 136 18.03 34.91 -10.94
C GLN B 136 17.92 36.33 -10.37
N THR B 137 17.11 37.16 -11.05
CA THR B 137 16.89 38.55 -10.70
C THR B 137 16.09 38.67 -9.40
N LYS B 138 15.21 37.69 -9.16
CA LYS B 138 14.40 37.60 -7.94
C LYS B 138 15.33 37.41 -6.74
N GLU B 139 14.90 37.98 -5.59
CA GLU B 139 15.59 37.85 -4.31
C GLU B 139 15.38 36.44 -3.78
N PRO B 140 16.36 35.78 -3.12
CA PRO B 140 16.17 34.40 -2.64
C PRO B 140 15.07 34.22 -1.58
N SER B 141 14.66 35.27 -0.86
CA SER B 141 13.57 35.21 0.10
C SER B 141 12.23 34.85 -0.55
N LYS B 142 11.90 35.51 -1.68
CA LYS B 142 10.63 35.32 -2.38
C LYS B 142 10.56 33.97 -3.10
N ASN B 143 11.68 33.22 -3.16
CA ASN B 143 11.65 31.79 -3.41
C ASN B 143 11.13 31.09 -2.16
N PRO B 144 9.94 30.42 -2.19
CA PRO B 144 9.36 29.86 -0.97
C PRO B 144 10.08 28.65 -0.39
N LEU B 145 10.95 27.99 -1.17
CA LEU B 145 11.70 26.83 -0.72
C LEU B 145 13.07 27.20 -0.16
N LEU B 146 13.40 28.51 -0.09
CA LEU B 146 14.58 29.02 0.61
C LEU B 146 14.16 29.72 1.91
N GLY B 147 13.37 30.79 1.77
CA GLY B 147 13.04 31.68 2.89
C GLY B 147 11.97 31.08 3.78
N LEU B 152 9.54 28.30 14.90
CA LEU B 152 9.54 27.87 16.33
C LEU B 152 8.10 27.69 16.81
N LEU B 153 7.88 26.72 17.71
CA LEU B 153 6.54 26.35 18.18
C LEU B 153 6.60 25.92 19.64
N LEU B 154 5.46 26.09 20.32
CA LEU B 154 5.14 25.33 21.51
C LEU B 154 5.12 23.85 21.16
N SER B 155 5.84 23.06 21.94
CA SER B 155 5.84 21.62 21.83
C SER B 155 4.72 21.03 22.67
N GLU B 156 4.07 21.82 23.54
CA GLU B 156 3.03 21.30 24.42
C GLU B 156 2.04 20.40 23.64
N PRO B 157 1.41 20.86 22.52
CA PRO B 157 0.43 20.05 21.78
C PRO B 157 0.99 18.72 21.28
N SER B 158 2.19 18.79 20.69
CA SER B 158 2.89 17.59 20.25
C SER B 158 3.15 16.63 21.39
N LEU B 159 3.55 17.16 22.55
CA LEU B 159 3.96 16.31 23.66
C LEU B 159 2.74 15.56 24.21
N LEU B 160 1.56 16.21 24.22
CA LEU B 160 0.29 15.57 24.59
C LEU B 160 0.07 14.34 23.71
N ARG B 161 0.23 14.51 22.38
CA ARG B 161 0.02 13.46 21.41
C ARG B 161 1.08 12.36 21.53
N THR B 162 2.34 12.74 21.81
CA THR B 162 3.38 11.75 22.01
C THR B 162 3.05 10.84 23.20
N VAL B 163 2.73 11.47 24.33
CA VAL B 163 2.38 10.77 25.56
C VAL B 163 1.11 9.94 25.38
N GLN B 164 0.16 10.38 24.56
CA GLN B 164 -1.01 9.57 24.23
C GLN B 164 -0.71 8.29 23.43
N GLN B 165 0.49 8.16 22.84
CA GLN B 165 0.92 6.90 22.23
C GLN B 165 1.31 5.85 23.27
N ILE B 166 1.49 6.26 24.52
CA ILE B 166 1.76 5.31 25.60
C ILE B 166 0.45 4.57 25.87
N PRO B 167 0.40 3.22 25.85
CA PRO B 167 -0.85 2.52 26.16
C PRO B 167 -1.34 2.76 27.59
N GLY B 168 -2.66 2.93 27.75
CA GLY B 168 -3.26 3.35 29.00
C GLY B 168 -3.54 4.85 29.08
N VAL B 169 -2.74 5.65 28.35
CA VAL B 169 -2.76 7.10 28.43
C VAL B 169 -3.60 7.65 27.28
N GLY B 170 -4.67 8.40 27.59
CA GLY B 170 -5.49 9.10 26.62
C GLY B 170 -5.45 10.61 26.84
N LYS B 171 -6.46 11.30 26.28
CA LYS B 171 -6.68 12.73 26.45
C LYS B 171 -6.52 13.20 27.89
N VAL B 172 -7.12 12.49 28.85
CA VAL B 172 -7.22 12.97 30.22
C VAL B 172 -5.95 12.65 31.01
N LYS B 173 -5.40 11.44 30.87
CA LYS B 173 -4.20 11.10 31.63
C LYS B 173 -2.93 11.76 31.08
N ALA B 174 -2.88 12.10 29.78
CA ALA B 174 -1.67 12.70 29.21
C ALA B 174 -1.26 13.98 29.92
N PRO B 175 -2.12 15.01 30.06
CA PRO B 175 -1.75 16.23 30.78
C PRO B 175 -1.43 16.01 32.26
N LEU B 176 -2.14 15.13 32.98
CA LEU B 176 -1.78 14.82 34.35
C LEU B 176 -0.35 14.31 34.48
N LEU B 177 0.10 13.49 33.53
CA LEU B 177 1.43 12.92 33.61
C LEU B 177 2.49 13.98 33.35
N LEU B 178 2.22 14.84 32.34
CA LEU B 178 3.17 15.88 32.00
C LEU B 178 3.17 17.02 33.01
N GLN B 179 2.14 17.14 33.85
CA GLN B 179 2.18 18.07 34.97
C GLN B 179 3.18 17.58 36.02
N LYS B 180 3.20 16.28 36.36
CA LYS B 180 4.10 15.75 37.38
C LYS B 180 5.48 15.42 36.83
N PHE B 181 5.56 14.82 35.63
CA PHE B 181 6.82 14.47 34.95
C PHE B 181 6.95 15.37 33.73
N PRO B 182 7.46 16.62 33.83
CA PRO B 182 7.31 17.60 32.77
C PRO B 182 8.10 17.42 31.47
N SER B 183 8.93 16.39 31.32
CA SER B 183 9.56 16.12 30.03
C SER B 183 9.43 14.64 29.72
N ILE B 184 9.64 14.28 28.45
CA ILE B 184 9.55 12.87 28.05
C ILE B 184 10.60 12.11 28.86
N GLN B 185 11.81 12.70 29.02
CA GLN B 185 12.89 12.04 29.74
C GLN B 185 12.48 11.71 31.16
N GLN B 186 12.04 12.72 31.91
CA GLN B 186 11.56 12.53 33.27
C GLN B 186 10.41 11.52 33.28
N LEU B 187 9.49 11.59 32.32
CA LEU B 187 8.40 10.60 32.29
C LEU B 187 9.00 9.20 32.15
N SER B 188 10.02 9.06 31.27
CA SER B 188 10.64 7.78 30.97
C SER B 188 11.34 7.17 32.18
N ASN B 189 11.84 8.03 33.09
CA ASN B 189 12.60 7.62 34.26
C ASN B 189 11.72 7.42 35.50
N ALA B 190 10.42 7.69 35.41
CA ALA B 190 9.53 7.66 36.56
C ALA B 190 9.37 6.21 37.04
N SER B 191 9.51 6.02 38.36
CA SER B 191 9.21 4.76 39.02
C SER B 191 7.71 4.45 38.94
N ILE B 192 7.40 3.16 39.20
CA ILE B 192 6.02 2.71 39.25
C ILE B 192 5.33 3.44 40.41
N GLY B 193 6.06 3.59 41.54
CA GLY B 193 5.58 4.32 42.69
C GLY B 193 5.18 5.75 42.36
N GLU B 194 6.07 6.50 41.69
CA GLU B 194 5.78 7.86 41.26
C GLU B 194 4.60 7.89 40.28
N LEU B 195 4.49 6.89 39.39
CA LEU B 195 3.40 6.82 38.43
C LEU B 195 2.05 6.54 39.12
N GLU B 196 2.07 5.71 40.18
CA GLU B 196 0.86 5.21 40.86
C GLU B 196 0.05 6.37 41.46
N GLN B 197 0.78 7.38 41.96
CA GLN B 197 0.21 8.59 42.54
C GLN B 197 -0.63 9.39 41.54
N VAL B 198 -0.26 9.35 40.24
CA VAL B 198 -0.92 10.14 39.21
C VAL B 198 -2.01 9.31 38.51
N VAL B 199 -1.75 8.03 38.21
CA VAL B 199 -2.62 7.30 37.29
C VAL B 199 -3.15 5.95 37.81
N GLY B 200 -2.66 5.45 38.95
CA GLY B 200 -3.18 4.19 39.49
C GLY B 200 -2.51 2.99 38.86
N GLN B 201 -2.61 1.87 39.61
CA GLN B 201 -1.64 0.77 39.59
C GLN B 201 -1.50 0.19 38.19
N ALA B 202 -2.63 0.01 37.49
CA ALA B 202 -2.67 -0.69 36.22
C ALA B 202 -1.99 0.14 35.13
N VAL B 203 -2.43 1.39 34.94
CA VAL B 203 -1.89 2.30 33.94
C VAL B 203 -0.44 2.67 34.28
N ALA B 204 -0.06 2.62 35.56
CA ALA B 204 1.33 2.80 35.95
C ALA B 204 2.21 1.68 35.38
N GLN B 205 1.75 0.42 35.49
CA GLN B 205 2.47 -0.75 34.98
C GLN B 205 2.66 -0.64 33.46
N GLN B 206 1.58 -0.23 32.76
CA GLN B 206 1.57 -0.08 31.31
C GLN B 206 2.66 0.90 30.86
N ILE B 207 2.69 2.08 31.51
CA ILE B 207 3.65 3.15 31.23
C ILE B 207 5.07 2.65 31.52
N HIS B 208 5.28 2.12 32.71
CA HIS B 208 6.57 1.59 33.09
C HIS B 208 7.01 0.51 32.10
N ALA B 209 6.08 -0.37 31.71
CA ALA B 209 6.41 -1.47 30.84
C ALA B 209 6.89 -0.94 29.49
N PHE B 210 6.14 0.07 29.00
CA PHE B 210 6.39 0.69 27.70
C PHE B 210 7.80 1.24 27.62
N PHE B 211 8.22 2.00 28.63
CA PHE B 211 9.51 2.67 28.61
C PHE B 211 10.67 1.70 28.80
N THR B 212 10.48 0.54 29.45
CA THR B 212 11.60 -0.31 29.83
C THR B 212 11.65 -1.64 29.08
N GLN B 213 10.65 -1.98 28.25
CA GLN B 213 10.61 -3.30 27.62
C GLN B 213 11.78 -3.44 26.64
N PRO B 214 12.76 -4.37 26.87
CA PRO B 214 13.97 -4.43 26.05
C PRO B 214 13.78 -5.06 24.68
N THR C 4 4.83 -18.70 -8.02
CA THR C 4 3.43 -18.66 -7.50
C THR C 4 3.17 -17.27 -6.90
N CME C 5 2.05 -16.64 -7.31
CA CME C 5 1.75 -15.23 -7.06
CB CME C 5 1.38 -14.51 -8.32
SG CME C 5 0.73 -12.84 -8.06
SD CME C 5 2.46 -11.81 -7.86
CE CME C 5 2.66 -11.22 -9.57
CZ CME C 5 3.18 -9.81 -9.68
OH CME C 5 2.11 -8.90 -9.83
C CME C 5 0.66 -15.07 -5.99
O CME C 5 -0.18 -15.93 -5.84
H CME C 5 1.42 -17.13 -7.75
HA CME C 5 2.57 -14.81 -6.73
HB2 CME C 5 2.19 -14.45 -8.89
HB3 CME C 5 0.70 -15.05 -8.79
HE2 CME C 5 3.27 -11.83 -10.05
HE3 CME C 5 1.79 -11.26 -9.99
HZ2 CME C 5 3.70 -9.59 -8.90
HZ3 CME C 5 3.76 -9.75 -10.47
N ILE C 6 0.70 -13.96 -5.26
CA ILE C 6 -0.35 -13.60 -4.32
C ILE C 6 -0.49 -12.10 -4.32
N LEU C 7 -1.74 -11.65 -4.28
CA LEU C 7 -2.07 -10.24 -4.25
C LEU C 7 -2.49 -9.90 -2.82
N VAL C 8 -1.95 -8.79 -2.31
CA VAL C 8 -2.18 -8.25 -0.99
C VAL C 8 -2.86 -6.89 -1.13
N GLY C 9 -3.92 -6.67 -0.35
CA GLY C 9 -4.51 -5.36 -0.26
C GLY C 9 -3.54 -4.34 0.33
N GLY C 10 -3.52 -3.13 -0.24
CA GLY C 10 -2.62 -2.07 0.22
C GLY C 10 -2.80 -1.76 1.72
N HIS C 11 -4.03 -1.86 2.21
CA HIS C 11 -4.35 -1.59 3.61
C HIS C 11 -3.56 -2.48 4.58
N GLU C 12 -3.09 -3.65 4.13
CA GLU C 12 -2.33 -4.56 4.96
C GLU C 12 -0.96 -4.00 5.38
N ILE C 13 -0.48 -2.93 4.76
CA ILE C 13 0.77 -2.33 5.22
C ILE C 13 0.59 -1.59 6.54
N THR C 14 -0.64 -1.24 6.93
CA THR C 14 -0.86 -0.62 8.23
C THR C 14 -0.86 -1.66 9.36
N SER C 15 -0.97 -2.96 9.09
CA SER C 15 -0.91 -3.98 10.14
C SER C 15 -0.25 -5.29 9.77
N GLY C 16 0.18 -5.49 8.50
CA GLY C 16 0.59 -6.81 8.05
C GLY C 16 2.02 -6.84 7.50
N LEU C 17 2.88 -5.90 7.88
CA LEU C 17 4.20 -5.77 7.26
C LEU C 17 5.04 -7.05 7.35
N GLU C 18 4.91 -7.81 8.43
CA GLU C 18 5.67 -9.04 8.57
C GLU C 18 5.04 -10.17 7.75
N VAL C 19 3.71 -10.21 7.63
CA VAL C 19 3.05 -11.10 6.69
C VAL C 19 3.62 -10.90 5.29
N ILE C 20 3.63 -9.66 4.82
CA ILE C 20 4.01 -9.34 3.45
C ILE C 20 5.44 -9.76 3.22
N SER C 21 6.35 -9.38 4.12
CA SER C 21 7.76 -9.55 3.87
C SER C 21 8.17 -11.02 4.06
N SER C 22 7.50 -11.76 4.95
CA SER C 22 7.74 -13.20 5.07
C SER C 22 7.40 -13.89 3.75
N LEU C 23 6.21 -13.58 3.21
CA LEU C 23 5.74 -14.18 1.99
C LEU C 23 6.80 -14.03 0.89
N ARG C 24 7.36 -12.82 0.71
CA ARG C 24 8.44 -12.61 -0.25
C ARG C 24 9.63 -13.48 0.13
N ALA C 25 10.12 -13.30 1.36
CA ALA C 25 11.48 -13.61 1.70
C ALA C 25 11.60 -15.09 2.06
N ILE C 26 10.80 -15.52 3.05
CA ILE C 26 10.84 -16.87 3.58
C ILE C 26 10.25 -17.82 2.52
N HIS C 27 9.07 -17.51 1.98
CA HIS C 27 8.30 -18.46 1.21
C HIS C 27 8.59 -18.39 -0.29
N GLY C 28 9.17 -17.30 -0.82
CA GLY C 28 9.57 -17.22 -2.23
C GLY C 28 8.38 -17.08 -3.20
N LEU C 29 7.25 -16.57 -2.73
CA LEU C 29 6.13 -16.20 -3.56
C LEU C 29 6.48 -14.87 -4.21
N GLN C 30 5.89 -14.62 -5.37
CA GLN C 30 5.85 -13.27 -5.91
C GLN C 30 4.71 -12.59 -5.16
N VAL C 31 5.00 -11.46 -4.52
CA VAL C 31 4.00 -10.82 -3.69
C VAL C 31 3.84 -9.40 -4.22
N GLU C 32 2.64 -9.04 -4.64
CA GLU C 32 2.40 -7.69 -5.06
C GLU C 32 1.32 -7.05 -4.18
N VAL C 33 1.61 -5.83 -3.73
CA VAL C 33 0.73 -5.02 -2.91
C VAL C 33 -0.10 -4.19 -3.88
N CME C 34 -1.43 -4.34 -3.81
CA CME C 34 -2.35 -3.93 -4.85
CB CME C 34 -2.93 -5.11 -5.60
SG CME C 34 -1.68 -6.15 -6.39
SD CME C 34 -1.04 -5.02 -7.93
CE CME C 34 -1.70 -5.83 -9.41
CZ CME C 34 -0.66 -6.66 -10.12
OH CME C 34 -0.10 -5.95 -11.23
C CME C 34 -3.46 -3.08 -4.24
O CME C 34 -3.90 -3.37 -3.14
H CME C 34 -1.79 -4.71 -3.05
HA CME C 34 -1.85 -3.38 -5.51
HB2 CME C 34 -3.43 -5.66 -4.95
HB3 CME C 34 -3.55 -4.77 -6.28
HE2 CME C 34 -2.45 -6.41 -9.14
HE3 CME C 34 -2.05 -5.15 -10.02
HZ2 CME C 34 0.04 -6.91 -9.49
HZ3 CME C 34 -1.08 -7.48 -10.44
N PRO C 35 -4.03 -2.12 -5.01
CA PRO C 35 -5.23 -1.41 -4.59
C PRO C 35 -6.51 -2.26 -4.68
N LEU C 36 -6.60 -3.31 -3.89
CA LEU C 36 -7.78 -4.16 -3.85
C LEU C 36 -8.89 -3.38 -3.13
N ASN C 37 -10.14 -3.51 -3.58
CA ASN C 37 -11.28 -2.92 -2.90
C ASN C 37 -12.07 -3.99 -2.16
N GLY C 38 -11.69 -4.23 -0.91
CA GLY C 38 -12.53 -5.01 0.01
C GLY C 38 -12.00 -6.42 0.30
N CME C 39 -10.67 -6.64 0.23
CA CME C 39 -10.13 -7.95 0.59
CB CME C 39 -10.46 -9.03 -0.44
SG CME C 39 -9.84 -8.82 -2.12
SD CME C 39 -11.39 -7.89 -3.03
CE CME C 39 -11.35 -8.36 -4.79
CZ CME C 39 -11.75 -7.13 -5.56
OH CME C 39 -10.70 -6.17 -5.51
C CME C 39 -8.64 -7.87 0.87
O CME C 39 -7.95 -6.99 0.40
H CME C 39 -10.10 -5.98 -0.02
HA CME C 39 -10.56 -8.22 1.42
HB2 CME C 39 -10.09 -9.88 -0.08
HB3 CME C 39 -11.44 -9.13 -0.48
HE2 CME C 39 -10.45 -8.65 -5.04
HE3 CME C 39 -12.00 -9.08 -4.95
HZ2 CME C 39 -11.94 -7.36 -6.48
HZ3 CME C 39 -12.56 -6.75 -5.17
N ASP C 40 -8.14 -8.87 1.57
CA ASP C 40 -6.82 -8.81 2.17
C ASP C 40 -5.81 -9.51 1.28
N TYR C 41 -6.04 -10.80 1.04
CA TYR C 41 -5.12 -11.65 0.31
C TYR C 41 -5.95 -12.33 -0.76
N ILE C 42 -5.66 -12.08 -2.04
CA ILE C 42 -6.16 -12.91 -3.12
C ILE C 42 -5.08 -13.95 -3.40
N VAL C 43 -5.44 -15.20 -3.17
CA VAL C 43 -4.51 -16.32 -3.14
C VAL C 43 -4.55 -17.10 -4.44
N SER C 44 -5.70 -17.08 -5.11
CA SER C 44 -5.87 -17.67 -6.42
C SER C 44 -7.06 -16.98 -7.11
N ASN C 45 -7.36 -17.45 -8.32
CA ASN C 45 -8.55 -17.04 -9.04
C ASN C 45 -9.83 -17.37 -8.29
N ARG C 46 -9.82 -18.40 -7.43
CA ARG C 46 -11.01 -18.87 -6.72
C ARG C 46 -11.04 -18.51 -5.23
N MET C 47 -9.89 -18.15 -4.63
CA MET C 47 -9.74 -18.13 -3.17
C MET C 47 -9.27 -16.77 -2.70
N VAL C 48 -10.02 -16.16 -1.78
CA VAL C 48 -9.57 -14.97 -1.07
C VAL C 48 -9.45 -15.31 0.41
N VAL C 49 -8.51 -14.66 1.09
CA VAL C 49 -8.26 -14.89 2.51
C VAL C 49 -8.45 -13.55 3.21
N GLU C 50 -9.35 -13.52 4.20
CA GLU C 50 -9.47 -12.40 5.12
C GLU C 50 -8.65 -12.67 6.37
N ARG C 51 -7.84 -11.68 6.80
CA ARG C 51 -7.00 -11.70 7.98
C ARG C 51 -7.66 -10.83 9.02
N ARG C 52 -7.89 -11.38 10.22
CA ARG C 52 -8.52 -10.66 11.31
C ARG C 52 -7.82 -11.02 12.61
N SER C 53 -7.54 -10.01 13.42
CA SER C 53 -7.03 -10.25 14.77
C SER C 53 -8.14 -10.82 15.65
N GLN C 54 -7.79 -11.58 16.70
CA GLN C 54 -8.72 -12.02 17.74
CA GLN C 54 -8.75 -12.05 17.69
C GLN C 54 -9.63 -10.88 18.18
N SER C 55 -9.03 -9.74 18.56
CA SER C 55 -9.75 -8.55 19.02
C SER C 55 -10.83 -8.12 18.04
N GLU C 56 -10.47 -8.05 16.75
CA GLU C 56 -11.44 -7.68 15.73
C GLU C 56 -12.60 -8.67 15.73
N MET C 57 -12.31 -9.98 15.94
CA MET C 57 -13.33 -11.02 15.93
C MET C 57 -14.19 -10.96 17.21
N LEU C 58 -13.57 -10.69 18.38
CA LEU C 58 -14.26 -10.55 19.66
C LEU C 58 -15.21 -9.34 19.65
N ASN C 59 -14.74 -8.20 19.12
CA ASN C 59 -15.47 -6.94 19.10
C ASN C 59 -16.77 -7.11 18.32
N SER C 60 -17.92 -7.13 19.04
CA SER C 60 -19.23 -7.34 18.42
C SER C 60 -19.65 -6.19 17.51
N VAL C 61 -19.03 -5.01 17.68
CA VAL C 61 -19.21 -3.89 16.76
C VAL C 61 -18.81 -4.32 15.34
N ASN C 62 -17.84 -5.24 15.22
CA ASN C 62 -17.34 -5.72 13.93
C ASN C 62 -18.14 -6.89 13.34
N LYS C 63 -19.12 -7.47 14.04
CA LYS C 63 -19.72 -8.73 13.60
C LYS C 63 -20.48 -8.57 12.28
N ASN C 64 -21.48 -7.68 12.25
CA ASN C 64 -22.35 -7.48 11.09
C ASN C 64 -21.57 -7.00 9.87
N LYS C 65 -20.53 -6.21 10.13
CA LYS C 65 -19.68 -5.63 9.11
C LYS C 65 -18.81 -6.73 8.50
N PHE C 66 -18.35 -7.66 9.35
CA PHE C 66 -17.57 -8.79 8.88
C PHE C 66 -18.42 -9.70 7.99
N ILE C 67 -19.64 -9.99 8.45
CA ILE C 67 -20.57 -10.85 7.71
C ILE C 67 -20.91 -10.22 6.36
N GLU C 68 -21.09 -8.89 6.29
CA GLU C 68 -21.31 -8.22 5.02
C GLU C 68 -20.07 -8.30 4.12
N GLN C 69 -18.87 -8.16 4.71
CA GLN C 69 -17.61 -8.36 4.01
C GLN C 69 -17.60 -9.77 3.41
N ILE C 70 -17.85 -10.81 4.22
CA ILE C 70 -17.87 -12.17 3.69
C ILE C 70 -18.94 -12.29 2.59
N GLN C 71 -20.13 -11.65 2.72
CA GLN C 71 -21.15 -11.73 1.67
C GLN C 71 -20.68 -11.10 0.36
N HIS C 72 -20.02 -9.94 0.42
CA HIS C 72 -19.46 -9.32 -0.77
C HIS C 72 -18.51 -10.32 -1.46
N LEU C 73 -17.61 -10.91 -0.67
CA LEU C 73 -16.58 -11.80 -1.16
C LEU C 73 -17.17 -13.07 -1.75
N GLN C 74 -18.29 -13.54 -1.22
CA GLN C 74 -19.03 -14.66 -1.80
C GLN C 74 -19.49 -14.45 -3.24
N SER C 75 -19.81 -13.22 -3.66
CA SER C 75 -20.22 -12.97 -5.03
C SER C 75 -19.04 -13.05 -6.01
N MET C 76 -17.78 -12.99 -5.54
CA MET C 76 -16.63 -12.99 -6.43
C MET C 76 -15.70 -14.17 -6.26
N PHE C 77 -15.84 -14.97 -5.20
CA PHE C 77 -14.87 -16.02 -4.89
C PHE C 77 -15.62 -17.24 -4.40
N GLU C 78 -15.15 -18.42 -4.79
CA GLU C 78 -15.78 -19.69 -4.50
C GLU C 78 -15.29 -20.23 -3.17
N ARG C 79 -14.06 -19.87 -2.79
CA ARG C 79 -13.39 -20.36 -1.61
C ARG C 79 -13.00 -19.15 -0.74
N ILE C 80 -13.58 -19.03 0.45
CA ILE C 80 -13.22 -17.95 1.35
C ILE C 80 -12.61 -18.56 2.60
N CYS C 81 -11.45 -18.04 3.03
CA CYS C 81 -10.77 -18.44 4.25
CA CYS C 81 -10.78 -18.44 4.25
C CYS C 81 -10.63 -17.23 5.17
N VAL C 82 -10.89 -17.44 6.47
CA VAL C 82 -10.60 -16.46 7.50
C VAL C 82 -9.41 -16.97 8.30
N ILE C 83 -8.38 -16.14 8.46
CA ILE C 83 -7.27 -16.41 9.38
C ILE C 83 -7.44 -15.48 10.58
N VAL C 84 -7.70 -16.10 11.74
CA VAL C 84 -7.83 -15.38 12.99
C VAL C 84 -6.45 -15.35 13.64
N GLU C 85 -5.80 -14.18 13.60
CA GLU C 85 -4.42 -14.01 14.03
C GLU C 85 -4.42 -13.44 15.44
N LYS C 86 -3.55 -13.96 16.31
CA LYS C 86 -3.43 -13.46 17.66
C LYS C 86 -2.94 -12.01 17.61
N ASP C 87 -3.47 -11.17 18.48
CA ASP C 87 -3.03 -9.79 18.60
C ASP C 87 -1.54 -9.75 18.97
N ARG C 88 -0.86 -8.67 18.56
CA ARG C 88 0.55 -8.47 18.85
C ARG C 88 0.72 -8.15 20.34
N GLU C 89 1.97 -8.17 20.82
CA GLU C 89 2.32 -7.72 22.17
C GLU C 89 2.61 -6.21 22.10
N PHE C 98 -7.24 -12.00 25.60
CA PHE C 98 -8.26 -12.81 24.89
C PHE C 98 -9.15 -13.49 25.94
N ARG C 99 -10.39 -12.98 26.06
CA ARG C 99 -11.51 -13.71 26.64
C ARG C 99 -12.57 -13.88 25.56
N ARG C 100 -13.11 -15.10 25.42
CA ARG C 100 -14.10 -15.43 24.40
C ARG C 100 -15.47 -14.92 24.87
N THR C 101 -16.31 -14.60 23.89
CA THR C 101 -17.67 -14.14 24.07
C THR C 101 -18.58 -15.09 23.29
N LYS C 102 -19.89 -15.04 23.57
CA LYS C 102 -20.89 -15.79 22.81
C LYS C 102 -20.86 -15.35 21.35
N SER C 103 -20.83 -14.02 21.13
CA SER C 103 -20.77 -13.38 19.82
C SER C 103 -19.60 -13.88 18.97
N TYR C 104 -18.46 -14.16 19.61
CA TYR C 104 -17.29 -14.69 18.94
C TYR C 104 -17.55 -16.13 18.52
N ASP C 105 -17.97 -16.98 19.47
CA ASP C 105 -18.34 -18.35 19.17
C ASP C 105 -19.43 -18.42 18.12
N SER C 106 -20.42 -17.53 18.21
CA SER C 106 -21.51 -17.41 17.27
C SER C 106 -21.03 -17.11 15.85
N LEU C 107 -20.00 -16.27 15.72
CA LEU C 107 -19.44 -15.91 14.41
C LEU C 107 -18.77 -17.14 13.81
N LEU C 108 -17.92 -17.81 14.61
CA LEU C 108 -17.22 -19.02 14.19
C LEU C 108 -18.20 -20.09 13.73
N THR C 109 -19.26 -20.34 14.49
CA THR C 109 -20.24 -21.36 14.12
C THR C 109 -20.96 -20.92 12.86
N THR C 110 -21.28 -19.62 12.72
CA THR C 110 -21.90 -19.12 11.49
C THR C 110 -21.02 -19.44 10.30
N LEU C 111 -19.71 -19.14 10.42
CA LEU C 111 -18.76 -19.32 9.33
C LEU C 111 -18.65 -20.80 8.95
N ILE C 112 -18.61 -21.69 9.94
CA ILE C 112 -18.50 -23.13 9.73
C ILE C 112 -19.70 -23.64 8.95
N GLY C 113 -20.90 -23.20 9.35
CA GLY C 113 -22.15 -23.62 8.73
C GLY C 113 -22.28 -23.21 7.26
N ALA C 114 -21.61 -22.13 6.86
CA ALA C 114 -21.54 -21.71 5.47
C ALA C 114 -20.27 -22.19 4.74
N GLY C 115 -19.55 -23.18 5.30
CA GLY C 115 -18.30 -23.68 4.74
C GLY C 115 -17.22 -22.60 4.47
N ILE C 116 -17.22 -21.49 5.22
CA ILE C 116 -16.05 -20.61 5.26
C ILE C 116 -14.99 -21.30 6.12
N ARG C 117 -13.82 -21.58 5.55
CA ARG C 117 -12.75 -22.28 6.24
CA ARG C 117 -12.74 -22.27 6.23
C ARG C 117 -12.12 -21.33 7.26
N ILE C 118 -11.77 -21.84 8.45
CA ILE C 118 -11.13 -21.00 9.47
C ILE C 118 -9.75 -21.56 9.82
N LEU C 119 -8.76 -20.68 9.92
CA LEU C 119 -7.42 -21.02 10.38
C LEU C 119 -7.06 -20.06 11.51
N PHE C 120 -6.16 -20.50 12.40
CA PHE C 120 -5.73 -19.77 13.56
C PHE C 120 -4.21 -19.62 13.46
N SER C 121 -3.74 -18.41 13.78
CA SER C 121 -2.34 -18.04 13.70
C SER C 121 -1.95 -17.26 14.97
N SER C 122 -0.76 -17.54 15.51
CA SER C 122 -0.28 -16.88 16.70
C SER C 122 0.64 -15.68 16.38
N CYS C 123 1.05 -15.49 15.13
CA CYS C 123 1.88 -14.35 14.75
C CYS C 123 1.80 -14.14 13.23
N GLN C 124 2.32 -13.00 12.76
CA GLN C 124 2.35 -12.66 11.35
C GLN C 124 3.15 -13.66 10.51
N GLU C 125 4.21 -14.27 11.07
CA GLU C 125 5.03 -15.25 10.38
C GLU C 125 4.23 -16.52 10.06
N GLU C 126 3.37 -16.92 11.01
CA GLU C 126 2.52 -18.10 10.92
C GLU C 126 1.35 -17.82 9.97
N THR C 127 0.87 -16.57 9.90
CA THR C 127 -0.13 -16.17 8.95
C THR C 127 0.44 -16.34 7.53
N ALA C 128 1.64 -15.83 7.29
CA ALA C 128 2.33 -15.98 6.01
C ALA C 128 2.53 -17.45 5.65
N ASP C 129 2.77 -18.30 6.64
CA ASP C 129 2.95 -19.72 6.40
C ASP C 129 1.63 -20.34 5.92
N LEU C 130 0.52 -20.00 6.57
CA LEU C 130 -0.77 -20.50 6.15
C LEU C 130 -1.12 -20.00 4.75
N LEU C 131 -0.86 -18.71 4.49
CA LEU C 131 -1.13 -18.14 3.18
C LEU C 131 -0.38 -18.91 2.09
N LYS C 132 0.85 -19.35 2.38
CA LYS C 132 1.70 -20.07 1.44
C LYS C 132 1.13 -21.45 1.19
N GLU C 133 0.74 -22.16 2.27
CA GLU C 133 0.13 -23.48 2.16
C GLU C 133 -1.15 -23.41 1.35
N LEU C 134 -1.97 -22.40 1.62
CA LEU C 134 -3.19 -22.18 0.86
C LEU C 134 -2.83 -21.91 -0.61
N SER C 135 -1.74 -21.19 -0.85
CA SER C 135 -1.26 -20.92 -2.21
C SER C 135 -0.96 -22.22 -2.96
N LEU C 136 -0.29 -23.17 -2.30
CA LEU C 136 0.13 -24.45 -2.85
C LEU C 136 -1.08 -25.28 -3.30
N VAL C 137 -2.09 -25.41 -2.43
CA VAL C 137 -3.28 -26.20 -2.68
C VAL C 137 -3.94 -25.70 -3.97
N GLU C 138 -4.08 -24.38 -4.06
CA GLU C 138 -4.77 -23.75 -5.16
C GLU C 138 -4.02 -23.90 -6.47
N GLN C 139 -2.70 -23.87 -6.40
CA GLN C 139 -1.83 -24.05 -7.54
C GLN C 139 -2.13 -25.43 -8.16
N ARG C 140 -2.30 -26.44 -7.29
CA ARG C 140 -2.64 -27.81 -7.67
C ARG C 140 -4.07 -27.96 -8.21
N LYS C 141 -4.96 -27.00 -7.97
CA LYS C 141 -6.28 -26.98 -8.60
C LYS C 141 -6.29 -26.15 -9.90
N ASN C 142 -5.11 -25.86 -10.49
CA ASN C 142 -4.89 -25.07 -11.69
C ASN C 142 -5.81 -23.86 -11.75
N VAL C 143 -5.88 -23.09 -10.66
CA VAL C 143 -6.59 -21.81 -10.61
C VAL C 143 -5.67 -20.72 -10.06
N GLY C 144 -4.35 -20.92 -10.08
CA GLY C 144 -3.41 -19.96 -9.57
C GLY C 144 -3.34 -18.72 -10.45
N ILE C 145 -2.85 -17.64 -9.84
CA ILE C 145 -2.71 -16.36 -10.48
C ILE C 145 -1.56 -16.46 -11.46
N HIS C 146 -1.80 -16.09 -12.73
CA HIS C 146 -0.79 -16.04 -13.77
C HIS C 146 -0.75 -14.61 -14.29
N VAL C 147 0.29 -13.84 -13.95
CA VAL C 147 0.52 -12.49 -14.47
C VAL C 147 2.02 -12.29 -14.70
N PRO C 148 2.48 -11.18 -15.34
CA PRO C 148 3.89 -10.80 -15.30
C PRO C 148 4.38 -10.42 -13.91
N SER C 153 2.66 -2.27 -19.52
CA SER C 153 1.35 -1.89 -18.94
C SER C 153 0.94 -0.50 -19.44
N ASN C 154 0.58 -0.42 -20.72
CA ASN C 154 -0.13 0.72 -21.31
C ASN C 154 -1.60 0.33 -21.58
N LYS C 155 -2.16 -0.50 -20.68
CA LYS C 155 -3.51 -1.05 -20.78
C LYS C 155 -4.32 -0.63 -19.55
N SER C 156 -4.11 0.62 -19.12
CA SER C 156 -4.51 1.10 -17.80
C SER C 156 -5.99 1.49 -17.82
N GLU C 157 -6.38 2.20 -18.90
CA GLU C 157 -7.78 2.51 -19.20
C GLU C 157 -8.60 1.21 -19.23
N ALA C 158 -8.04 0.17 -19.88
CA ALA C 158 -8.76 -1.10 -20.03
C ALA C 158 -9.01 -1.76 -18.69
N LEU C 159 -8.01 -1.76 -17.78
CA LEU C 159 -8.18 -2.36 -16.47
C LEU C 159 -9.35 -1.72 -15.71
N GLN C 160 -9.38 -0.38 -15.64
CA GLN C 160 -10.41 0.39 -14.94
C GLN C 160 -11.81 0.08 -15.50
N PHE C 161 -11.91 -0.05 -16.83
CA PHE C 161 -13.11 -0.54 -17.49
C PHE C 161 -13.51 -1.92 -17.01
N TYR C 162 -12.58 -2.88 -16.96
CA TYR C 162 -12.93 -4.24 -16.56
C TYR C 162 -13.31 -4.30 -15.08
N LEU C 163 -12.57 -3.57 -14.23
CA LEU C 163 -12.90 -3.45 -12.81
C LEU C 163 -14.31 -2.88 -12.60
N SER C 164 -14.82 -2.03 -13.53
CA SER C 164 -16.16 -1.48 -13.45
C SER C 164 -17.25 -2.54 -13.66
N ILE C 165 -16.92 -3.74 -14.15
CA ILE C 165 -17.90 -4.81 -14.33
C ILE C 165 -18.34 -5.32 -12.96
N PRO C 166 -19.67 -5.37 -12.65
CA PRO C 166 -20.13 -5.74 -11.33
C PRO C 166 -19.72 -7.14 -10.89
N ASN C 167 -19.52 -7.29 -9.57
CA ASN C 167 -19.25 -8.58 -8.96
C ASN C 167 -18.13 -9.35 -9.67
N ILE C 168 -17.04 -8.68 -10.09
CA ILE C 168 -15.81 -9.40 -10.38
C ILE C 168 -14.65 -8.85 -9.53
N SER C 169 -13.71 -9.75 -9.21
CA SER C 169 -12.55 -9.44 -8.40
C SER C 169 -11.47 -8.76 -9.23
N TYR C 170 -10.45 -8.23 -8.54
CA TYR C 170 -9.33 -7.50 -9.15
C TYR C 170 -8.57 -8.43 -10.08
N ILE C 171 -8.35 -9.68 -9.65
CA ILE C 171 -7.61 -10.64 -10.45
C ILE C 171 -8.38 -11.02 -11.73
N THR C 172 -9.71 -11.16 -11.65
CA THR C 172 -10.54 -11.41 -12.82
C THR C 172 -10.38 -10.26 -13.83
N ALA C 173 -10.45 -9.02 -13.35
CA ALA C 173 -10.27 -7.86 -14.20
C ALA C 173 -8.85 -7.83 -14.80
N LEU C 174 -7.85 -8.25 -14.01
CA LEU C 174 -6.47 -8.29 -14.48
C LEU C 174 -6.30 -9.34 -15.58
N ASN C 175 -6.91 -10.52 -15.38
CA ASN C 175 -6.88 -11.56 -16.37
C ASN C 175 -7.43 -11.05 -17.70
N MET C 176 -8.57 -10.37 -17.66
CA MET C 176 -9.18 -9.79 -18.83
C MET C 176 -8.19 -8.86 -19.51
N CME C 177 -7.59 -7.96 -18.75
CA CME C 177 -6.62 -6.99 -19.27
CB CME C 177 -6.17 -6.08 -18.14
SG CME C 177 -5.23 -4.64 -18.69
SD CME C 177 -3.30 -5.16 -18.37
CE CME C 177 -3.04 -4.82 -16.60
CZ CME C 177 -2.30 -3.54 -16.29
OH CME C 177 -2.53 -2.50 -17.22
C CME C 177 -5.44 -7.67 -19.96
O CME C 177 -4.93 -7.19 -20.96
H CME C 177 -7.80 -7.92 -17.86
HA CME C 177 -7.08 -6.43 -19.93
HB2 CME C 177 -6.99 -5.76 -17.66
HB3 CME C 177 -5.63 -6.60 -17.51
HE2 CME C 177 -3.92 -4.79 -16.16
HE3 CME C 177 -2.54 -5.57 -16.22
HZ2 CME C 177 -2.57 -3.23 -15.40
HZ3 CME C 177 -1.34 -3.72 -16.26
N HIS C 178 -4.96 -8.77 -19.36
CA HIS C 178 -3.81 -9.50 -19.85
C HIS C 178 -4.17 -10.35 -21.06
N GLN C 179 -5.37 -10.96 -21.09
CA GLN C 179 -5.66 -12.02 -22.03
C GLN C 179 -6.32 -11.50 -23.30
N PHE C 180 -7.23 -10.52 -23.19
CA PHE C 180 -7.88 -9.99 -24.37
C PHE C 180 -7.00 -8.93 -25.01
N SER C 181 -6.68 -9.12 -26.30
CA SER C 181 -5.82 -8.19 -27.01
C SER C 181 -6.43 -6.80 -27.03
N SER C 182 -7.77 -6.72 -27.12
CA SER C 182 -8.48 -5.45 -27.04
C SER C 182 -9.77 -5.64 -26.24
N VAL C 183 -10.39 -4.51 -25.90
CA VAL C 183 -11.64 -4.51 -25.15
C VAL C 183 -12.74 -5.09 -26.02
N LYS C 184 -12.76 -4.69 -27.31
CA LYS C 184 -13.69 -5.18 -28.32
C LYS C 184 -13.64 -6.71 -28.41
N ARG C 185 -12.43 -7.27 -28.46
CA ARG C 185 -12.23 -8.70 -28.45
C ARG C 185 -12.88 -9.31 -27.19
N MET C 186 -12.73 -8.68 -26.03
CA MET C 186 -13.38 -9.15 -24.80
C MET C 186 -14.90 -9.12 -24.97
N ALA C 187 -15.44 -8.00 -25.45
CA ALA C 187 -16.88 -7.79 -25.48
C ALA C 187 -17.54 -8.67 -26.54
N ASN C 188 -16.78 -9.12 -27.55
CA ASN C 188 -17.28 -10.04 -28.55
C ASN C 188 -17.00 -11.50 -28.21
N SER C 189 -16.39 -11.80 -27.05
CA SER C 189 -16.08 -13.17 -26.69
C SER C 189 -17.34 -13.97 -26.34
N SER C 190 -17.20 -15.29 -26.43
CA SER C 190 -18.24 -16.19 -25.96
C SER C 190 -18.21 -16.28 -24.44
N LEU C 191 -19.29 -16.84 -23.89
CA LEU C 191 -19.31 -17.20 -22.49
C LEU C 191 -18.11 -18.11 -22.19
N GLN C 192 -17.84 -19.12 -23.03
CA GLN C 192 -16.79 -20.07 -22.79
C GLN C 192 -15.44 -19.35 -22.81
N GLU C 193 -15.23 -18.41 -23.75
CA GLU C 193 -13.97 -17.72 -23.80
C GLU C 193 -13.75 -16.93 -22.53
N ILE C 194 -14.78 -16.20 -22.09
CA ILE C 194 -14.70 -15.43 -20.85
C ILE C 194 -14.34 -16.34 -19.67
N SER C 195 -14.95 -17.52 -19.61
CA SER C 195 -14.65 -18.53 -18.60
C SER C 195 -13.15 -18.83 -18.54
N MET C 196 -12.57 -19.07 -19.71
CA MET C 196 -11.23 -19.60 -19.79
C MET C 196 -10.21 -18.48 -19.70
N TYR C 197 -10.43 -17.37 -20.41
CA TYR C 197 -9.46 -16.28 -20.50
C TYR C 197 -9.49 -15.48 -19.20
N ALA C 198 -10.69 -15.18 -18.70
CA ALA C 198 -10.80 -14.45 -17.44
C ALA C 198 -10.64 -15.39 -16.25
N GLN C 199 -10.62 -16.71 -16.45
CA GLN C 199 -10.44 -17.69 -15.39
C GLN C 199 -11.54 -17.52 -14.34
N VAL C 200 -12.81 -17.62 -14.79
CA VAL C 200 -13.97 -17.59 -13.89
C VAL C 200 -14.83 -18.82 -14.19
N THR C 201 -15.73 -19.11 -13.24
CA THR C 201 -16.67 -20.22 -13.35
C THR C 201 -17.66 -19.96 -14.50
N HIS C 202 -18.43 -21.01 -14.86
CA HIS C 202 -19.46 -20.87 -15.87
C HIS C 202 -20.48 -19.82 -15.46
N GLN C 203 -20.97 -19.96 -14.20
CA GLN C 203 -21.95 -19.04 -13.65
C GLN C 203 -21.44 -17.62 -13.71
N LYS C 204 -20.16 -17.43 -13.38
CA LYS C 204 -19.55 -16.12 -13.32
C LYS C 204 -19.33 -15.56 -14.72
N ALA C 205 -18.90 -16.42 -15.67
CA ALA C 205 -18.78 -16.02 -17.07
C ALA C 205 -20.16 -15.67 -17.63
N GLU C 206 -21.19 -16.42 -17.24
CA GLU C 206 -22.57 -16.11 -17.60
C GLU C 206 -22.96 -14.71 -17.12
N GLU C 207 -22.59 -14.33 -15.89
CA GLU C 207 -22.97 -13.00 -15.38
C GLU C 207 -22.27 -11.89 -16.17
N ILE C 208 -21.01 -12.12 -16.53
CA ILE C 208 -20.25 -11.15 -17.28
C ILE C 208 -20.81 -11.04 -18.70
N TYR C 209 -21.13 -12.18 -19.34
CA TYR C 209 -21.66 -12.22 -20.69
C TYR C 209 -23.01 -11.49 -20.75
N ARG C 210 -23.92 -11.77 -19.80
CA ARG C 210 -25.21 -11.10 -19.75
C ARG C 210 -25.02 -9.59 -19.61
N TYR C 211 -24.02 -9.18 -18.84
CA TYR C 211 -23.78 -7.77 -18.58
C TYR C 211 -23.38 -7.03 -19.84
N ILE C 212 -22.46 -7.64 -20.62
CA ILE C 212 -21.93 -7.02 -21.82
CA ILE C 212 -21.92 -7.04 -21.82
C ILE C 212 -22.97 -7.05 -22.95
N HIS C 213 -23.95 -7.96 -22.90
CA HIS C 213 -25.06 -8.06 -23.86
C HIS C 213 -26.35 -7.43 -23.37
N TYR C 214 -26.32 -6.82 -22.18
CA TYR C 214 -27.52 -6.27 -21.58
C TYR C 214 -27.98 -5.05 -22.36
N VAL C 215 -29.26 -5.05 -22.71
CA VAL C 215 -29.86 -3.98 -23.48
C VAL C 215 -30.22 -2.86 -22.52
N PHE C 216 -29.38 -1.84 -22.51
CA PHE C 216 -29.64 -0.62 -21.78
C PHE C 216 -30.97 -0.01 -22.20
N ASP C 217 -31.72 0.47 -21.19
CA ASP C 217 -32.95 1.20 -21.34
C ASP C 217 -32.98 2.43 -20.44
N ILE C 218 -32.88 3.64 -21.03
CA ILE C 218 -32.86 4.89 -20.28
C ILE C 218 -34.08 5.04 -19.37
N GLN C 219 -35.23 4.44 -19.73
CA GLN C 219 -36.49 4.61 -19.02
C GLN C 219 -36.53 3.74 -17.75
N MET C 220 -35.52 2.88 -17.54
CA MET C 220 -35.37 2.16 -16.28
C MET C 220 -34.69 3.00 -15.21
N LEU C 221 -34.16 4.18 -15.56
CA LEU C 221 -33.53 5.12 -14.63
C LEU C 221 -34.52 6.23 -14.33
N PRO C 222 -34.39 7.00 -13.22
CA PRO C 222 -35.28 8.15 -12.97
C PRO C 222 -35.05 9.28 -13.96
N ASN C 223 -36.00 10.22 -14.01
CA ASN C 223 -36.15 11.14 -15.14
C ASN C 223 -35.27 12.37 -14.92
N ASP C 224 -35.59 13.17 -13.89
CA ASP C 224 -34.68 14.17 -13.35
C ASP C 224 -34.58 15.37 -14.31
N PRO D 15 -30.35 -37.68 18.34
CA PRO D 15 -31.35 -37.43 19.44
C PRO D 15 -31.74 -35.95 19.51
N LEU D 16 -32.89 -35.67 20.14
CA LEU D 16 -33.54 -34.35 20.10
C LEU D 16 -33.19 -33.56 21.37
N GLY D 17 -32.58 -32.37 21.19
CA GLY D 17 -32.16 -31.51 22.28
C GLY D 17 -31.03 -32.08 23.13
N HIS D 18 -30.23 -33.01 22.55
CA HIS D 18 -29.34 -33.89 23.29
C HIS D 18 -27.94 -33.92 22.64
N ILE D 19 -26.99 -34.55 23.35
CA ILE D 19 -25.66 -34.86 22.87
C ILE D 19 -25.32 -36.28 23.31
N VAL D 20 -25.01 -37.17 22.36
CA VAL D 20 -24.50 -38.51 22.66
C VAL D 20 -23.01 -38.35 22.98
N ALA D 21 -22.55 -38.85 24.13
CA ALA D 21 -21.21 -38.56 24.64
C ALA D 21 -20.44 -39.85 24.93
N ASN D 22 -19.11 -39.75 24.84
CA ASN D 22 -18.21 -40.84 25.17
C ASN D 22 -18.11 -40.92 26.69
N GLU D 23 -18.04 -42.16 27.19
CA GLU D 23 -18.09 -42.45 28.61
C GLU D 23 -17.03 -41.63 29.37
N LYS D 24 -15.84 -41.51 28.78
CA LYS D 24 -14.65 -40.91 29.40
C LYS D 24 -14.87 -39.48 29.93
N TRP D 25 -15.91 -38.76 29.45
CA TRP D 25 -16.22 -37.42 29.92
C TRP D 25 -17.17 -37.39 31.11
N ARG D 26 -17.48 -38.56 31.73
CA ARG D 26 -18.31 -38.66 32.94
C ARG D 26 -17.78 -37.66 33.98
N GLY D 27 -18.61 -36.66 34.35
CA GLY D 27 -18.31 -35.71 35.41
C GLY D 27 -17.07 -34.82 35.19
N SER D 28 -16.60 -34.64 33.94
CA SER D 28 -15.50 -33.72 33.63
C SER D 28 -16.01 -32.29 33.75
N GLN D 29 -15.07 -31.31 33.76
CA GLN D 29 -15.44 -29.90 33.80
C GLN D 29 -16.32 -29.56 32.59
N LEU D 30 -16.04 -30.16 31.41
CA LEU D 30 -16.86 -30.01 30.22
C LEU D 30 -18.30 -30.46 30.47
N ALA D 31 -18.45 -31.72 30.94
CA ALA D 31 -19.76 -32.31 31.21
C ALA D 31 -20.50 -31.54 32.30
N GLN D 32 -19.77 -30.96 33.26
CA GLN D 32 -20.37 -30.21 34.36
C GLN D 32 -20.97 -28.88 33.90
N GLU D 33 -20.28 -28.15 33.01
CA GLU D 33 -20.72 -26.82 32.63
C GLU D 33 -21.85 -26.86 31.61
N MET D 34 -22.05 -28.01 30.95
CA MET D 34 -23.15 -28.19 30.00
C MET D 34 -24.48 -28.55 30.68
N GLN D 35 -24.42 -29.00 31.95
CA GLN D 35 -25.58 -29.29 32.79
C GLN D 35 -26.61 -28.15 32.71
N GLY D 36 -27.89 -28.49 32.50
CA GLY D 36 -28.97 -27.52 32.47
C GLY D 36 -29.15 -26.88 31.09
N LYS D 37 -28.02 -26.42 30.51
CA LYS D 37 -27.95 -25.92 29.14
C LYS D 37 -28.29 -27.02 28.12
N ILE D 38 -27.69 -28.21 28.28
CA ILE D 38 -27.84 -29.29 27.30
C ILE D 38 -27.63 -30.65 27.96
N LYS D 39 -28.33 -31.70 27.45
CA LYS D 39 -28.38 -33.02 28.06
C LYS D 39 -27.40 -34.00 27.41
N LEU D 40 -26.78 -34.85 28.24
CA LEU D 40 -25.71 -35.77 27.85
C LEU D 40 -26.16 -37.22 28.05
N ILE D 41 -26.35 -37.95 26.95
CA ILE D 41 -26.51 -39.40 26.94
C ILE D 41 -25.12 -40.02 26.79
N PHE D 42 -24.57 -40.62 27.86
CA PHE D 42 -23.26 -41.25 27.80
C PHE D 42 -23.37 -42.62 27.14
N GLU D 43 -22.22 -43.13 26.65
CA GLU D 43 -22.17 -44.38 25.90
C GLU D 43 -20.70 -44.83 25.73
N ASP D 44 -20.51 -46.15 25.70
CA ASP D 44 -19.21 -46.80 25.64
C ASP D 44 -18.90 -47.27 24.21
N GLY D 45 -17.61 -47.53 23.96
CA GLY D 45 -17.14 -48.04 22.68
C GLY D 45 -17.09 -46.99 21.56
N LEU D 46 -17.34 -45.71 21.87
CA LEU D 46 -17.34 -44.65 20.87
C LEU D 46 -15.90 -44.21 20.66
N THR D 47 -15.47 -44.17 19.39
CA THR D 47 -14.21 -43.55 19.02
C THR D 47 -14.29 -42.03 19.15
N PRO D 48 -15.29 -41.30 18.59
CA PRO D 48 -15.35 -39.85 18.75
C PRO D 48 -15.83 -39.43 20.13
N ASP D 49 -15.58 -38.17 20.51
CA ASP D 49 -15.85 -37.69 21.85
C ASP D 49 -17.34 -37.40 22.04
N PHE D 50 -17.95 -36.66 21.12
CA PHE D 50 -19.37 -36.38 21.17
C PHE D 50 -20.00 -36.52 19.78
N TYR D 51 -21.33 -36.58 19.74
CA TYR D 51 -22.14 -36.47 18.53
C TYR D 51 -23.15 -35.37 18.76
N LEU D 52 -23.21 -34.38 17.86
CA LEU D 52 -24.17 -33.28 17.98
C LEU D 52 -25.48 -33.77 17.37
N SER D 53 -25.40 -34.25 16.13
CA SER D 53 -26.46 -34.99 15.45
C SER D 53 -25.92 -36.38 15.10
N ASN D 54 -26.70 -37.17 14.34
CA ASN D 54 -26.26 -38.48 13.87
C ASN D 54 -25.05 -38.36 12.93
N ARG D 55 -24.94 -37.28 12.13
CA ARG D 55 -23.90 -37.11 11.12
C ARG D 55 -22.80 -36.10 11.47
N CYS D 56 -22.93 -35.32 12.56
CA CYS D 56 -21.86 -34.43 12.99
C CYS D 56 -21.33 -34.89 14.35
N CYS D 57 -20.02 -35.16 14.41
CA CYS D 57 -19.37 -35.56 15.63
C CYS D 57 -18.24 -34.59 15.99
N ILE D 58 -17.75 -34.74 17.23
CA ILE D 58 -16.64 -33.96 17.75
C ILE D 58 -15.49 -34.91 18.10
N LEU D 59 -14.27 -34.48 17.76
CA LEU D 59 -13.05 -35.16 18.16
C LEU D 59 -12.26 -34.16 19.00
N TYR D 60 -12.44 -34.25 20.33
CA TYR D 60 -11.66 -33.45 21.28
C TYR D 60 -10.23 -33.99 21.35
N VAL D 61 -9.23 -33.15 21.06
CA VAL D 61 -7.82 -33.47 21.23
C VAL D 61 -7.34 -32.67 22.44
N THR D 62 -6.88 -33.35 23.51
CA THR D 62 -6.44 -32.72 24.76
C THR D 62 -4.98 -32.31 24.66
N GLU D 63 -4.54 -31.53 25.67
CA GLU D 63 -3.16 -31.12 25.87
C GLU D 63 -2.23 -32.34 25.82
N ALA D 64 -2.60 -33.38 26.61
CA ALA D 64 -1.95 -34.70 26.66
C ALA D 64 -1.84 -35.32 25.25
N ASP D 65 -2.94 -35.28 24.49
CA ASP D 65 -2.97 -35.84 23.13
C ASP D 65 -1.93 -35.13 22.26
N LEU D 66 -1.84 -33.80 22.38
CA LEU D 66 -1.05 -33.01 21.45
C LEU D 66 0.44 -33.03 21.81
N VAL D 67 0.79 -33.09 23.11
CA VAL D 67 2.19 -33.16 23.54
C VAL D 67 2.82 -34.48 23.08
N ALA D 68 2.11 -35.62 23.27
CA ALA D 68 2.64 -36.96 23.04
C ALA D 68 3.23 -37.15 21.64
N GLY D 69 2.47 -36.80 20.60
CA GLY D 69 2.93 -36.93 19.23
C GLY D 69 1.77 -36.78 18.24
N ASN D 70 1.66 -37.73 17.29
CA ASN D 70 0.59 -37.74 16.29
C ASN D 70 -0.35 -38.93 16.49
N GLY D 71 -0.57 -39.35 17.76
CA GLY D 71 -1.51 -40.42 18.08
C GLY D 71 -2.97 -40.03 17.84
N TYR D 72 -3.28 -38.73 18.04
CA TYR D 72 -4.60 -38.15 17.79
C TYR D 72 -5.09 -38.42 16.36
N ARG D 73 -4.17 -38.47 15.36
CA ARG D 73 -4.51 -38.43 13.95
C ARG D 73 -5.28 -39.67 13.49
N LYS D 74 -4.84 -40.86 13.93
CA LYS D 74 -5.52 -42.12 13.66
C LYS D 74 -7.03 -41.93 13.69
N ARG D 75 -7.55 -41.40 14.79
CA ARG D 75 -8.98 -41.25 14.97
C ARG D 75 -9.59 -40.26 13.97
N LEU D 76 -8.86 -39.17 13.68
CA LEU D 76 -9.32 -38.14 12.74
C LEU D 76 -9.49 -38.74 11.35
N VAL D 77 -8.53 -39.55 10.90
CA VAL D 77 -8.54 -40.24 9.61
C VAL D 77 -9.79 -41.13 9.51
N ARG D 78 -10.07 -41.93 10.54
CA ARG D 78 -11.27 -42.78 10.59
C ARG D 78 -12.53 -41.97 10.30
N VAL D 79 -12.67 -40.81 10.97
CA VAL D 79 -13.91 -40.05 10.88
C VAL D 79 -14.08 -39.43 9.49
N ARG D 80 -13.01 -38.80 8.96
CA ARG D 80 -13.04 -38.21 7.63
C ARG D 80 -13.37 -39.29 6.60
N ASN D 81 -12.67 -40.43 6.66
CA ASN D 81 -12.85 -41.56 5.76
C ASN D 81 -14.15 -42.35 6.00
N SER D 82 -14.86 -42.11 7.11
CA SER D 82 -16.24 -42.58 7.22
C SER D 82 -17.11 -41.77 6.25
N ASN D 83 -17.97 -42.47 5.52
CA ASN D 83 -19.13 -41.84 4.89
C ASN D 83 -20.22 -41.77 5.96
N ASN D 84 -21.20 -40.88 5.72
CA ASN D 84 -22.35 -40.67 6.61
C ASN D 84 -21.91 -40.01 7.92
N LEU D 85 -20.79 -39.28 7.93
CA LEU D 85 -20.24 -38.72 9.16
C LEU D 85 -19.24 -37.61 8.85
N LYS D 86 -19.29 -36.56 9.67
CA LYS D 86 -18.39 -35.41 9.59
C LYS D 86 -17.85 -35.15 10.99
N GLY D 87 -16.55 -34.83 11.08
CA GLY D 87 -15.89 -34.54 12.34
C GLY D 87 -15.54 -33.06 12.46
N ILE D 88 -15.88 -32.46 13.61
CA ILE D 88 -15.31 -31.19 14.07
C ILE D 88 -14.25 -31.49 15.11
N VAL D 89 -13.00 -31.13 14.82
CA VAL D 89 -11.90 -31.30 15.75
C VAL D 89 -11.82 -30.07 16.67
N VAL D 90 -12.00 -30.26 17.98
CA VAL D 90 -11.74 -29.23 18.98
C VAL D 90 -10.43 -29.54 19.71
N VAL D 91 -9.51 -28.57 19.79
CA VAL D 91 -8.17 -28.85 20.31
C VAL D 91 -7.81 -27.87 21.41
N GLU D 92 -7.15 -28.37 22.47
CA GLU D 92 -6.71 -27.58 23.60
C GLU D 92 -5.42 -26.83 23.25
N LYS D 93 -5.57 -25.56 22.82
CA LYS D 93 -4.46 -24.66 22.53
C LYS D 93 -4.10 -23.88 23.81
N THR D 94 -3.14 -24.42 24.59
CA THR D 94 -2.55 -23.75 25.75
C THR D 94 -1.23 -23.09 25.36
N ARG D 95 -0.52 -22.50 26.34
CA ARG D 95 0.88 -22.10 26.21
C ARG D 95 1.78 -23.31 25.95
N MET D 96 1.54 -24.42 26.68
CA MET D 96 2.29 -25.67 26.50
C MET D 96 2.19 -26.14 25.05
N SER D 97 0.94 -26.23 24.52
CA SER D 97 0.66 -26.93 23.27
C SER D 97 0.86 -26.07 22.02
N GLU D 98 0.88 -24.74 22.16
CA GLU D 98 0.82 -23.77 21.05
C GLU D 98 1.80 -24.11 19.92
N GLN D 99 2.99 -24.62 20.27
CA GLN D 99 4.05 -25.00 19.34
C GLN D 99 3.65 -26.16 18.42
N TYR D 100 2.85 -27.10 18.94
CA TYR D 100 2.39 -28.27 18.20
C TYR D 100 1.15 -27.98 17.34
N PHE D 101 0.41 -26.88 17.62
CA PHE D 101 -0.87 -26.59 17.01
C PHE D 101 -0.76 -26.35 15.51
N PRO D 102 0.27 -25.61 15.00
CA PRO D 102 0.43 -25.44 13.56
C PRO D 102 0.42 -26.76 12.77
N ALA D 103 1.25 -27.72 13.21
CA ALA D 103 1.35 -29.05 12.62
C ALA D 103 0.01 -29.79 12.63
N LEU D 104 -0.73 -29.74 13.74
CA LEU D 104 -2.06 -30.31 13.81
C LEU D 104 -3.01 -29.64 12.81
N GLN D 105 -3.00 -28.31 12.76
CA GLN D 105 -3.95 -27.57 11.96
C GLN D 105 -3.73 -27.82 10.48
N LYS D 106 -2.45 -27.86 10.07
CA LYS D 106 -2.07 -28.22 8.72
C LYS D 106 -2.72 -29.55 8.38
N PHE D 107 -2.53 -30.53 9.27
CA PHE D 107 -3.05 -31.87 9.05
C PHE D 107 -4.59 -31.86 9.01
N THR D 108 -5.22 -31.32 10.05
CA THR D 108 -6.67 -31.41 10.22
C THR D 108 -7.38 -30.63 9.12
N VAL D 109 -6.97 -29.37 8.93
CA VAL D 109 -7.72 -28.47 8.07
C VAL D 109 -7.32 -28.69 6.62
N LEU D 110 -6.01 -28.76 6.33
CA LEU D 110 -5.53 -28.65 4.96
C LEU D 110 -5.38 -30.03 4.29
N ASP D 111 -4.80 -31.03 4.97
CA ASP D 111 -4.81 -32.39 4.46
C ASP D 111 -6.23 -32.94 4.45
N LEU D 112 -6.81 -33.19 5.64
CA LEU D 112 -8.05 -33.94 5.76
C LEU D 112 -9.29 -33.14 5.39
N GLY D 113 -9.24 -31.81 5.41
CA GLY D 113 -10.38 -31.01 5.02
C GLY D 113 -11.41 -30.78 6.14
N MET D 114 -11.06 -31.11 7.40
CA MET D 114 -11.99 -31.07 8.52
C MET D 114 -11.93 -29.71 9.22
N VAL D 115 -13.00 -29.38 9.96
CA VAL D 115 -13.06 -28.16 10.76
C VAL D 115 -12.25 -28.33 12.06
N LEU D 116 -11.51 -27.27 12.44
CA LEU D 116 -10.70 -27.24 13.65
C LEU D 116 -11.04 -25.97 14.43
N LEU D 117 -11.30 -26.13 15.75
CA LEU D 117 -11.62 -25.03 16.65
C LEU D 117 -10.71 -25.11 17.89
N PRO D 118 -9.77 -24.17 18.11
CA PRO D 118 -8.97 -24.16 19.32
C PRO D 118 -9.78 -23.70 20.53
N VAL D 119 -9.42 -24.22 21.73
CA VAL D 119 -9.94 -23.77 23.01
C VAL D 119 -8.79 -23.73 24.02
N ALA D 120 -8.80 -22.72 24.90
CA ALA D 120 -7.85 -22.64 26.00
C ALA D 120 -8.10 -23.77 27.01
N SER D 121 -9.37 -24.11 27.24
CA SER D 121 -9.77 -25.03 28.29
C SER D 121 -11.10 -25.71 27.96
N GLN D 122 -11.47 -26.70 28.77
CA GLN D 122 -12.77 -27.36 28.69
C GLN D 122 -13.93 -26.41 28.94
N MET D 123 -13.72 -25.42 29.83
CA MET D 123 -14.70 -24.39 30.12
C MET D 123 -15.15 -23.71 28.83
N GLU D 124 -14.18 -23.33 27.98
CA GLU D 124 -14.45 -22.69 26.69
C GLU D 124 -15.14 -23.67 25.73
N ALA D 125 -14.68 -24.92 25.68
CA ALA D 125 -15.30 -25.93 24.84
C ALA D 125 -16.77 -26.19 25.21
N SER D 126 -17.15 -25.96 26.48
CA SER D 126 -18.55 -26.01 26.88
C SER D 126 -19.35 -24.98 26.07
N CYS D 127 -18.97 -23.72 26.20
CA CYS D 127 -19.72 -22.60 25.63
C CYS D 127 -19.68 -22.63 24.09
N LEU D 128 -18.63 -23.23 23.51
CA LEU D 128 -18.47 -23.41 22.07
C LEU D 128 -19.41 -24.50 21.53
N VAL D 129 -19.49 -25.63 22.24
CA VAL D 129 -20.25 -26.78 21.77
C VAL D 129 -21.75 -26.48 21.83
N ILE D 130 -22.15 -25.67 22.81
CA ILE D 130 -23.53 -25.19 22.93
C ILE D 130 -23.93 -24.41 21.68
N GLN D 131 -22.99 -23.62 21.14
CA GLN D 131 -23.25 -22.78 19.97
C GLN D 131 -23.36 -23.61 18.69
N LEU D 132 -22.45 -24.59 18.51
CA LEU D 132 -22.48 -25.54 17.41
C LEU D 132 -23.82 -26.25 17.33
N VAL D 133 -24.37 -26.63 18.50
CA VAL D 133 -25.65 -27.29 18.63
C VAL D 133 -26.80 -26.33 18.34
N GLN D 134 -26.66 -25.06 18.75
CA GLN D 134 -27.65 -24.04 18.45
C GLN D 134 -27.63 -23.70 16.96
N GLU D 135 -26.46 -23.82 16.31
CA GLU D 135 -26.28 -23.57 14.88
C GLU D 135 -26.83 -24.72 14.03
N GLN D 136 -26.62 -25.97 14.47
CA GLN D 136 -27.12 -27.17 13.82
C GLN D 136 -28.64 -27.19 13.80
N THR D 137 -29.25 -26.81 14.93
CA THR D 137 -30.70 -26.80 15.13
C THR D 137 -31.35 -25.70 14.30
N LYS D 138 -30.62 -24.59 14.09
CA LYS D 138 -31.06 -23.47 13.28
C LYS D 138 -31.24 -23.92 11.82
N GLU D 139 -32.22 -23.34 11.13
CA GLU D 139 -32.45 -23.60 9.71
C GLU D 139 -31.40 -22.86 8.89
N PRO D 140 -30.89 -23.42 7.76
CA PRO D 140 -29.82 -22.78 7.00
C PRO D 140 -30.13 -21.40 6.40
N SER D 141 -31.41 -21.02 6.24
CA SER D 141 -31.80 -19.70 5.76
C SER D 141 -31.34 -18.57 6.69
N LYS D 142 -31.57 -18.73 8.01
CA LYS D 142 -31.24 -17.72 9.00
C LYS D 142 -29.73 -17.61 9.25
N ASN D 143 -28.92 -18.52 8.68
CA ASN D 143 -27.51 -18.26 8.48
C ASN D 143 -27.35 -17.25 7.36
N PRO D 144 -26.81 -16.02 7.61
CA PRO D 144 -26.76 -14.98 6.58
C PRO D 144 -25.76 -15.23 5.45
N LEU D 145 -24.82 -16.16 5.63
CA LEU D 145 -23.84 -16.50 4.60
C LEU D 145 -24.28 -17.65 3.71
N LEU D 146 -25.49 -18.21 3.94
CA LEU D 146 -26.11 -19.20 3.07
C LEU D 146 -27.27 -18.58 2.28
N GLY D 147 -28.28 -18.07 3.01
CA GLY D 147 -29.45 -17.45 2.41
C GLY D 147 -29.15 -16.05 1.87
N LEU D 153 -31.06 -6.56 -9.47
CA LEU D 153 -30.71 -5.16 -9.89
C LEU D 153 -30.74 -5.00 -11.42
N LEU D 154 -31.21 -3.81 -11.81
CA LEU D 154 -30.93 -3.19 -13.09
C LEU D 154 -29.43 -2.98 -13.25
N SER D 155 -28.92 -3.26 -14.43
CA SER D 155 -27.55 -3.01 -14.82
C SER D 155 -27.39 -1.58 -15.31
N GLU D 156 -28.48 -0.86 -15.62
CA GLU D 156 -28.39 0.48 -16.17
C GLU D 156 -27.36 1.34 -15.41
N PRO D 157 -27.45 1.51 -14.07
CA PRO D 157 -26.52 2.37 -13.34
C PRO D 157 -25.06 1.95 -13.48
N SER D 158 -24.78 0.66 -13.33
CA SER D 158 -23.46 0.10 -13.56
C SER D 158 -22.97 0.37 -14.97
N LEU D 159 -23.84 0.23 -15.98
CA LEU D 159 -23.42 0.37 -17.36
C LEU D 159 -23.01 1.81 -17.65
N LEU D 160 -23.71 2.79 -17.03
CA LEU D 160 -23.35 4.20 -17.12
C LEU D 160 -21.92 4.38 -16.65
N ARG D 161 -21.59 3.80 -15.46
CA ARG D 161 -20.28 3.89 -14.86
C ARG D 161 -19.22 3.16 -15.68
N THR D 162 -19.56 2.01 -16.26
CA THR D 162 -18.60 1.30 -17.11
C THR D 162 -18.23 2.17 -18.32
N VAL D 163 -19.26 2.68 -19.02
CA VAL D 163 -19.08 3.52 -20.18
C VAL D 163 -18.35 4.83 -19.82
N GLN D 164 -18.54 5.36 -18.62
CA GLN D 164 -17.76 6.51 -18.16
C GLN D 164 -16.26 6.23 -17.96
N GLN D 165 -15.83 4.96 -17.91
CA GLN D 165 -14.41 4.62 -17.93
C GLN D 165 -13.79 4.80 -19.30
N ILE D 166 -14.60 4.95 -20.37
CA ILE D 166 -14.07 5.20 -21.69
C ILE D 166 -13.59 6.66 -21.71
N PRO D 167 -12.33 6.97 -22.07
CA PRO D 167 -11.88 8.36 -22.10
C PRO D 167 -12.65 9.21 -23.13
N GLY D 168 -12.98 10.46 -22.75
CA GLY D 168 -13.86 11.31 -23.52
C GLY D 168 -15.30 11.28 -23.02
N VAL D 169 -15.73 10.16 -22.42
CA VAL D 169 -17.11 9.90 -22.02
C VAL D 169 -17.25 10.22 -20.54
N GLY D 170 -18.13 11.16 -20.19
CA GLY D 170 -18.51 11.48 -18.82
C GLY D 170 -19.99 11.22 -18.57
N LYS D 171 -20.52 11.87 -17.52
CA LYS D 171 -21.92 11.85 -17.14
C LYS D 171 -22.87 12.04 -18.32
N VAL D 172 -22.59 13.02 -19.17
CA VAL D 172 -23.53 13.46 -20.19
C VAL D 172 -23.45 12.57 -21.43
N LYS D 173 -22.23 12.24 -21.88
CA LYS D 173 -22.08 11.43 -23.09
C LYS D 173 -22.41 9.96 -22.86
N ALA D 174 -22.24 9.44 -21.62
CA ALA D 174 -22.49 8.04 -21.36
C ALA D 174 -23.92 7.62 -21.74
N PRO D 175 -24.99 8.27 -21.24
CA PRO D 175 -26.35 7.90 -21.61
C PRO D 175 -26.67 8.08 -23.10
N LEU D 176 -26.16 9.12 -23.76
CA LEU D 176 -26.36 9.28 -25.19
C LEU D 176 -25.80 8.09 -25.98
N LEU D 177 -24.67 7.54 -25.55
CA LEU D 177 -24.06 6.44 -26.27
C LEU D 177 -24.87 5.16 -26.07
N LEU D 178 -25.33 4.94 -24.83
CA LEU D 178 -26.08 3.73 -24.52
C LEU D 178 -27.51 3.82 -25.06
N GLN D 179 -28.00 5.01 -25.41
CA GLN D 179 -29.27 5.13 -26.13
C GLN D 179 -29.11 4.62 -27.56
N LYS D 180 -28.02 4.96 -28.27
CA LYS D 180 -27.80 4.55 -29.65
C LYS D 180 -27.20 3.16 -29.79
N PHE D 181 -26.21 2.83 -28.94
CA PHE D 181 -25.55 1.52 -28.90
C PHE D 181 -25.92 0.86 -27.57
N PRO D 182 -27.09 0.18 -27.46
CA PRO D 182 -27.62 -0.18 -26.16
C PRO D 182 -26.91 -1.28 -25.36
N SER D 183 -25.85 -1.91 -25.85
CA SER D 183 -25.09 -2.85 -25.05
C SER D 183 -23.62 -2.51 -25.16
N ILE D 184 -22.79 -3.05 -24.23
CA ILE D 184 -21.36 -2.80 -24.29
C ILE D 184 -20.85 -3.38 -25.62
N GLN D 185 -21.34 -4.57 -26.02
CA GLN D 185 -20.89 -5.21 -27.24
C GLN D 185 -21.13 -4.32 -28.45
N GLN D 186 -22.37 -3.87 -28.64
CA GLN D 186 -22.71 -2.99 -29.73
C GLN D 186 -21.89 -1.72 -29.63
N LEU D 187 -21.69 -1.17 -28.42
CA LEU D 187 -20.86 0.03 -28.32
C LEU D 187 -19.46 -0.27 -28.83
N SER D 188 -18.92 -1.46 -28.47
CA SER D 188 -17.57 -1.88 -28.81
C SER D 188 -17.38 -2.04 -30.32
N ASN D 189 -18.46 -2.42 -31.04
CA ASN D 189 -18.44 -2.69 -32.46
C ASN D 189 -18.79 -1.46 -33.31
N ALA D 190 -19.13 -0.32 -32.68
CA ALA D 190 -19.55 0.86 -33.39
C ALA D 190 -18.37 1.44 -34.21
N SER D 191 -18.64 1.76 -35.48
CA SER D 191 -17.71 2.50 -36.32
C SER D 191 -17.52 3.93 -35.82
N ILE D 192 -16.45 4.56 -36.32
CA ILE D 192 -16.16 5.96 -36.02
C ILE D 192 -17.31 6.80 -36.57
N GLY D 193 -17.79 6.45 -37.77
CA GLY D 193 -18.92 7.09 -38.41
C GLY D 193 -20.18 7.07 -37.53
N GLU D 194 -20.54 5.88 -37.04
CA GLU D 194 -21.69 5.73 -36.14
C GLU D 194 -21.48 6.51 -34.84
N LEU D 195 -20.24 6.55 -34.33
CA LEU D 195 -19.92 7.29 -33.11
C LEU D 195 -20.02 8.80 -33.31
N GLU D 196 -19.63 9.29 -34.51
CA GLU D 196 -19.54 10.71 -34.82
C GLU D 196 -20.91 11.39 -34.77
N GLN D 197 -21.96 10.65 -35.14
CA GLN D 197 -23.34 11.12 -35.07
C GLN D 197 -23.79 11.46 -33.65
N VAL D 198 -23.26 10.73 -32.64
CA VAL D 198 -23.68 10.89 -31.25
C VAL D 198 -22.73 11.84 -30.52
N VAL D 199 -21.42 11.73 -30.76
CA VAL D 199 -20.41 12.53 -30.07
C VAL D 199 -19.52 13.20 -31.13
N GLY D 200 -18.63 14.10 -30.71
CA GLY D 200 -17.80 14.82 -31.69
C GLY D 200 -16.81 13.88 -32.36
N GLN D 201 -16.23 14.28 -33.51
CA GLN D 201 -15.18 13.55 -34.20
C GLN D 201 -14.05 13.12 -33.22
N ALA D 202 -13.70 14.00 -32.28
CA ALA D 202 -12.61 13.77 -31.35
C ALA D 202 -12.95 12.65 -30.37
N VAL D 203 -14.08 12.78 -29.67
CA VAL D 203 -14.52 11.79 -28.68
C VAL D 203 -14.87 10.46 -29.37
N ALA D 204 -15.24 10.49 -30.64
CA ALA D 204 -15.46 9.28 -31.42
C ALA D 204 -14.14 8.50 -31.59
N GLN D 205 -13.05 9.22 -31.92
CA GLN D 205 -11.72 8.63 -32.09
C GLN D 205 -11.26 7.99 -30.77
N GLN D 206 -11.47 8.70 -29.65
CA GLN D 206 -11.10 8.23 -28.32
C GLN D 206 -11.78 6.89 -28.00
N ILE D 207 -13.11 6.82 -28.22
CA ILE D 207 -13.91 5.63 -28.00
C ILE D 207 -13.43 4.50 -28.91
N HIS D 208 -13.33 4.78 -30.20
CA HIS D 208 -12.87 3.78 -31.15
C HIS D 208 -11.47 3.30 -30.78
N ALA D 209 -10.59 4.23 -30.38
CA ALA D 209 -9.23 3.88 -30.05
C ALA D 209 -9.22 2.94 -28.85
N PHE D 210 -10.04 3.27 -27.85
CA PHE D 210 -10.13 2.53 -26.61
C PHE D 210 -10.50 1.07 -26.87
N PHE D 211 -11.53 0.83 -27.69
CA PHE D 211 -12.02 -0.52 -27.92
C PHE D 211 -11.09 -1.34 -28.80
N THR D 212 -10.26 -0.72 -29.66
CA THR D 212 -9.48 -1.48 -30.65
C THR D 212 -7.97 -1.47 -30.38
N GLN D 213 -7.48 -0.69 -29.41
CA GLN D 213 -6.04 -0.59 -29.16
C GLN D 213 -5.51 -1.95 -28.69
N PRO D 214 -4.60 -2.63 -29.46
CA PRO D 214 -4.15 -3.97 -29.11
C PRO D 214 -3.16 -4.04 -27.94
MG MG I . -2.68 5.61 24.39
MG MG J . 31.74 25.01 -11.96
MG MG K . -16.41 -38.06 6.95
MG MG L . -14.05 8.95 -19.05
#